data_4ZW8
#
_entry.id   4ZW8
#
_cell.length_a   75.530
_cell.length_b   109.110
_cell.length_c   118.400
_cell.angle_alpha   90.000
_cell.angle_beta   90.000
_cell.angle_gamma   90.000
#
_symmetry.space_group_name_H-M   'P 21 21 21'
#
loop_
_entity.id
_entity.type
_entity.pdbx_description
1 polymer 'M1 family aminopeptidase'
2 non-polymer 'ZINC ION'
3 non-polymer "tert-butyl {(1S)-2-(hydroxyamino)-1-[3'-(N'-hydroxycarbamimidoyl)biphenyl-4-yl]-2-oxoethyl}carbamate"
4 non-polymer 'DIMETHYL SULFOXIDE'
5 non-polymer GLYCEROL
6 water water
#
_entity_poly.entity_id   1
_entity_poly.type   'polypeptide(L)'
_entity_poly.pdbx_seq_one_letter_code
;EPKIHYRKDYKPSGFIINQVTLNINIHDQETIVRSVLDMDISKHNVGEDLVFDGVGLKINEISINNKKLVEGEEYTYDNE
FLTIFSKFVPKSKFAFSSEVIIHPETNYALTGLYKSKNIIVSQCEATGFRRITFFIDRPDMMAKYDVTVTADKEKYPVLL
SNGDKVNEFEIPGGRHGARFNDPPLKPCYLFAVVAGDLKHLSATYITKYTKKKVELYVFSEEKYVSKLQWALECLKKSMA
FDEDYFGLEYDLSRLNLVAVSDFNVGAMENKGLNIFNANSLLASKKNSIDFSYARILTVVGHEYFHQYTGNRVTLRDWFQ
LTLKEGLTVHRENLFSEEMTKTVTTRLSHVDLLRSVQFLEDSSPLSHPIRPESYVSMENFYTTTVYDKGSEVMRMYLTIL
GEEYYKKGFDIYIKKNDGNTATCEDFNYAMEQAYKMKKADNSANLNQYLLWFSQSGTPHVSFKYNYDAEKKQYSIHVNQY
TKPDENQKEKKPLFIPISVGLINPENGKEMISQTTLELTKESDTFVFNNIAVKPIPSLFRGFSAPVYIEDQLTDEERILL
LKYDSDAFVRYNSCTNIYMKQILMNYNEFLKAKNEKLESFQLTPVNAQFIDAIKYLLEDPHADAGFKSYIVSLPQDRYII
NFVSNLDTDVLADTKEYIYKQIGDKLNDVYYKMFKSLEAKADDLTYFNDESHVDFDQMNMRTLRNTLLSLLSKAQYPNIL
NEIIEHSKSPYPSNWLTSLSVSAYFDKYFELYDKTYKLSKDDELLLQEWLKTVSRSDRKDIYEILKKLENEVLKDSKNPN
DIRAVYLPFTNNLRRFHDISGKGYKLIAEVITKTDKFNPMVATQLCEPFKLWNKLDTKRQELMLNEMNTMLQEPQISNNL
KEYLLRLTNK
;
_entity_poly.pdbx_strand_id   A
#
# COMPACT_ATOMS: atom_id res chain seq x y z
N PRO A 2 -13.31 -25.30 -5.58
CA PRO A 2 -12.88 -24.06 -4.93
C PRO A 2 -13.95 -23.52 -3.98
N LYS A 3 -13.71 -23.63 -2.67
CA LYS A 3 -14.68 -23.22 -1.67
C LYS A 3 -14.86 -21.71 -1.62
N ILE A 4 -16.11 -21.27 -1.66
CA ILE A 4 -16.43 -19.85 -1.59
C ILE A 4 -17.08 -19.48 -0.26
N HIS A 5 -16.45 -18.56 0.46
CA HIS A 5 -16.96 -18.13 1.76
C HIS A 5 -17.73 -16.82 1.64
N TYR A 6 -18.96 -16.82 2.15
CA TYR A 6 -19.80 -15.63 2.08
C TYR A 6 -19.86 -14.91 3.43
N ARG A 7 -19.90 -13.58 3.38
CA ARG A 7 -19.93 -12.77 4.59
C ARG A 7 -21.19 -13.01 5.41
N LYS A 8 -22.29 -13.29 4.72
CA LYS A 8 -23.58 -13.51 5.37
C LYS A 8 -23.59 -14.79 6.21
N ASP A 9 -22.65 -15.69 5.94
CA ASP A 9 -22.66 -17.01 6.55
C ASP A 9 -21.78 -17.12 7.80
N TYR A 10 -21.47 -15.99 8.43
CA TYR A 10 -20.64 -16.05 9.63
C TYR A 10 -21.37 -16.72 10.79
N LYS A 11 -20.74 -17.76 11.34
CA LYS A 11 -21.24 -18.41 12.55
C LYS A 11 -20.08 -18.69 13.48
N PRO A 12 -20.27 -18.44 14.79
CA PRO A 12 -19.23 -18.78 15.78
C PRO A 12 -18.90 -20.26 15.77
N SER A 13 -17.67 -20.60 16.14
CA SER A 13 -17.22 -21.99 16.16
C SER A 13 -17.97 -22.80 17.20
N GLY A 14 -18.03 -24.11 17.00
CA GLY A 14 -18.62 -25.01 17.98
C GLY A 14 -17.60 -25.42 19.02
N PHE A 15 -16.41 -24.85 18.93
CA PHE A 15 -15.32 -25.17 19.84
C PHE A 15 -14.65 -23.92 20.39
N ILE A 16 -13.94 -24.08 21.51
CA ILE A 16 -13.16 -23.02 22.10
C ILE A 16 -11.72 -23.47 22.27
N ILE A 17 -10.77 -22.57 22.00
CA ILE A 17 -9.38 -22.83 22.32
C ILE A 17 -8.92 -21.80 23.35
N ASN A 18 -8.71 -22.27 24.59
CA ASN A 18 -8.37 -21.37 25.68
C ASN A 18 -6.88 -21.14 25.83
N GLN A 19 -6.10 -22.22 25.67
CA GLN A 19 -4.65 -22.13 25.87
C GLN A 19 -3.90 -22.84 24.75
N VAL A 20 -2.81 -22.22 24.32
CA VAL A 20 -1.90 -22.83 23.35
C VAL A 20 -0.52 -22.96 23.97
N THR A 21 0.01 -24.18 23.98
CA THR A 21 1.36 -24.41 24.50
C THR A 21 2.23 -25.03 23.41
N LEU A 22 3.17 -24.23 22.90
CA LEU A 22 3.98 -24.64 21.76
C LEU A 22 5.42 -25.00 22.14
N ASN A 23 5.91 -26.07 21.55
CA ASN A 23 7.35 -26.37 21.55
C ASN A 23 7.84 -26.45 20.12
N ILE A 24 8.64 -25.46 19.73
CA ILE A 24 9.16 -25.40 18.37
C ILE A 24 10.66 -25.69 18.37
N ASN A 25 11.04 -26.89 17.92
CA ASN A 25 12.42 -27.30 17.92
C ASN A 25 13.03 -27.26 16.52
N ILE A 26 13.94 -26.31 16.32
CA ILE A 26 14.51 -26.06 15.00
C ILE A 26 15.79 -26.85 14.78
N HIS A 27 15.80 -27.66 13.72
CA HIS A 27 16.99 -28.37 13.29
C HIS A 27 17.28 -28.03 11.84
N ASP A 28 18.44 -28.43 11.35
CA ASP A 28 18.88 -28.07 10.00
C ASP A 28 17.96 -28.65 8.92
N GLN A 29 17.56 -29.90 9.09
CA GLN A 29 16.80 -30.60 8.06
C GLN A 29 15.30 -30.58 8.32
N GLU A 30 14.90 -30.08 9.49
CA GLU A 30 13.50 -30.14 9.89
C GLU A 30 13.21 -29.29 11.12
N THR A 31 11.96 -28.92 11.30
CA THR A 31 11.51 -28.26 12.52
C THR A 31 10.37 -29.05 13.14
N ILE A 32 10.57 -29.49 14.37
CA ILE A 32 9.57 -30.26 15.08
C ILE A 32 8.66 -29.34 15.88
N VAL A 33 7.37 -29.42 15.64
CA VAL A 33 6.41 -28.58 16.36
C VAL A 33 5.50 -29.42 17.23
N ARG A 34 5.65 -29.29 18.54
CA ARG A 34 4.76 -29.93 19.49
C ARG A 34 3.77 -28.91 20.03
N SER A 35 2.50 -29.26 20.05
CA SER A 35 1.46 -28.33 20.45
C SER A 35 0.39 -28.99 21.31
N VAL A 36 0.09 -28.37 22.45
CA VAL A 36 -1.05 -28.79 23.25
C VAL A 36 -2.10 -27.69 23.25
N LEU A 37 -3.32 -28.05 22.85
CA LEU A 37 -4.43 -27.11 22.84
C LEU A 37 -5.42 -27.43 23.94
N ASP A 38 -5.54 -26.54 24.91
CA ASP A 38 -6.53 -26.67 25.96
C ASP A 38 -7.87 -26.17 25.45
N MET A 39 -8.78 -27.09 25.14
CA MET A 39 -9.99 -26.74 24.43
C MET A 39 -11.26 -26.99 25.23
N ASP A 40 -12.37 -26.50 24.69
CA ASP A 40 -13.68 -26.66 25.31
C ASP A 40 -14.77 -26.68 24.25
N ILE A 41 -15.99 -26.98 24.68
CA ILE A 41 -17.15 -27.03 23.81
C ILE A 41 -17.95 -25.74 23.96
N SER A 42 -18.24 -25.07 22.84
CA SER A 42 -18.97 -23.80 22.88
C SER A 42 -20.48 -24.04 22.89
N LYS A 43 -21.24 -22.98 23.11
CA LYS A 43 -22.70 -23.08 23.19
C LYS A 43 -23.33 -23.27 21.81
N HIS A 44 -22.53 -23.09 20.76
CA HIS A 44 -23.02 -23.25 19.39
C HIS A 44 -22.77 -24.65 18.85
N ASN A 45 -22.18 -25.49 19.69
CA ASN A 45 -21.86 -26.86 19.30
C ASN A 45 -23.10 -27.70 19.06
N VAL A 46 -23.11 -28.45 17.97
CA VAL A 46 -24.23 -29.32 17.63
C VAL A 46 -23.75 -30.75 17.42
N GLY A 47 -22.67 -31.11 18.10
CA GLY A 47 -22.12 -32.45 18.03
C GLY A 47 -21.38 -32.74 16.74
N GLU A 48 -20.84 -31.70 16.13
CA GLU A 48 -20.13 -31.85 14.86
C GLU A 48 -18.73 -32.43 15.06
N ASP A 49 -18.10 -32.82 13.95
CA ASP A 49 -16.71 -33.29 14.00
C ASP A 49 -15.78 -32.15 14.38
N LEU A 50 -14.67 -32.49 15.04
CA LEU A 50 -13.65 -31.50 15.36
C LEU A 50 -12.70 -31.35 14.18
N VAL A 51 -12.83 -30.23 13.47
CA VAL A 51 -12.06 -29.99 12.25
C VAL A 51 -11.01 -28.91 12.44
N PHE A 52 -9.74 -29.28 12.30
CA PHE A 52 -8.63 -28.33 12.39
C PHE A 52 -8.12 -27.97 11.01
N ASP A 53 -7.66 -26.73 10.86
CA ASP A 53 -6.86 -26.35 9.70
C ASP A 53 -5.44 -26.88 9.89
N GLY A 54 -4.83 -27.33 8.81
CA GLY A 54 -3.49 -27.85 8.87
C GLY A 54 -2.98 -28.13 7.47
N VAL A 55 -2.07 -27.29 6.99
CA VAL A 55 -1.61 -27.36 5.61
C VAL A 55 -0.14 -27.75 5.51
N GLY A 56 0.13 -28.85 4.83
CA GLY A 56 1.50 -29.29 4.59
C GLY A 56 2.20 -29.84 5.82
N LEU A 57 1.41 -30.27 6.80
CA LEU A 57 1.97 -30.78 8.04
C LEU A 57 2.26 -32.28 7.97
N LYS A 58 3.43 -32.68 8.48
CA LYS A 58 3.77 -34.09 8.56
C LYS A 58 3.48 -34.62 9.96
N ILE A 59 2.47 -35.47 10.07
CA ILE A 59 2.01 -35.95 11.36
C ILE A 59 2.90 -37.04 11.96
N ASN A 60 3.41 -36.78 13.15
CA ASN A 60 4.12 -37.79 13.93
C ASN A 60 3.17 -38.46 14.91
N GLU A 61 2.39 -37.64 15.61
CA GLU A 61 1.46 -38.12 16.62
C GLU A 61 0.42 -37.05 16.95
N ILE A 62 -0.85 -37.44 16.99
CA ILE A 62 -1.88 -36.56 17.54
C ILE A 62 -2.64 -37.30 18.63
N SER A 63 -3.13 -36.55 19.61
CA SER A 63 -3.77 -37.15 20.78
C SER A 63 -4.92 -36.31 21.34
N ILE A 64 -5.80 -36.97 22.08
CA ILE A 64 -6.83 -36.28 22.85
C ILE A 64 -6.75 -36.76 24.29
N ASN A 65 -6.50 -35.83 25.21
CA ASN A 65 -6.32 -36.15 26.63
C ASN A 65 -5.25 -37.22 26.84
N ASN A 66 -4.10 -37.02 26.19
CA ASN A 66 -2.94 -37.90 26.30
C ASN A 66 -3.16 -39.32 25.78
N LYS A 67 -4.28 -39.55 25.10
CA LYS A 67 -4.52 -40.82 24.44
C LYS A 67 -4.23 -40.71 22.95
N LYS A 68 -3.29 -41.51 22.47
CA LYS A 68 -2.88 -41.51 21.08
C LYS A 68 -4.06 -41.81 20.15
N LEU A 69 -4.23 -40.99 19.12
CA LEU A 69 -5.31 -41.17 18.15
C LEU A 69 -4.85 -42.03 16.98
N VAL A 70 -5.75 -42.84 16.44
CA VAL A 70 -5.41 -43.76 15.35
C VAL A 70 -5.98 -43.29 14.02
N GLU A 71 -5.10 -43.16 13.03
CA GLU A 71 -5.50 -42.73 11.70
C GLU A 71 -6.38 -43.77 11.03
N GLY A 72 -7.55 -43.35 10.56
CA GLY A 72 -8.45 -44.24 9.86
C GLY A 72 -9.91 -44.08 10.26
N GLU A 73 -10.23 -44.49 11.48
CA GLU A 73 -11.61 -44.45 11.95
C GLU A 73 -11.74 -43.41 13.06
N GLU A 74 -10.62 -42.96 13.60
CA GLU A 74 -10.63 -41.91 14.61
C GLU A 74 -10.35 -40.53 14.01
N TYR A 75 -9.50 -40.49 12.99
CA TYR A 75 -9.24 -39.23 12.29
C TYR A 75 -8.76 -39.43 10.86
N THR A 76 -8.99 -38.41 10.04
CA THR A 76 -8.48 -38.37 8.67
C THR A 76 -7.77 -37.04 8.43
N TYR A 77 -6.71 -37.07 7.63
CA TYR A 77 -5.98 -35.86 7.28
C TYR A 77 -5.66 -35.83 5.78
N ASP A 78 -6.13 -34.79 5.11
CA ASP A 78 -5.98 -34.68 3.66
C ASP A 78 -5.01 -33.58 3.27
N ASN A 79 -4.06 -33.29 4.16
CA ASN A 79 -3.04 -32.27 3.97
C ASN A 79 -3.61 -30.83 4.00
N GLU A 80 -4.90 -30.71 4.28
CA GLU A 80 -5.53 -29.39 4.40
C GLU A 80 -6.38 -29.29 5.66
N PHE A 81 -7.13 -30.36 5.95
CA PHE A 81 -7.96 -30.39 7.15
C PHE A 81 -7.71 -31.66 7.97
N LEU A 82 -7.64 -31.50 9.28
CA LEU A 82 -7.61 -32.63 10.20
C LEU A 82 -9.00 -32.82 10.77
N THR A 83 -9.66 -33.92 10.39
CA THR A 83 -11.00 -34.19 10.88
C THR A 83 -10.99 -35.27 11.97
N ILE A 84 -11.52 -34.91 13.14
CA ILE A 84 -11.69 -35.87 14.22
C ILE A 84 -13.18 -36.15 14.40
N PHE A 85 -13.57 -37.39 14.10
CA PHE A 85 -14.99 -37.77 14.12
C PHE A 85 -15.60 -37.54 15.50
N SER A 86 -16.79 -36.93 15.51
CA SER A 86 -17.44 -36.45 16.73
C SER A 86 -17.55 -37.49 17.84
N LYS A 87 -17.61 -38.76 17.46
CA LYS A 87 -17.71 -39.86 18.42
C LYS A 87 -16.55 -39.86 19.41
N PHE A 88 -15.40 -39.39 18.96
CA PHE A 88 -14.19 -39.40 19.77
C PHE A 88 -13.82 -38.03 20.31
N VAL A 89 -14.72 -37.07 20.12
CA VAL A 89 -14.53 -35.73 20.65
C VAL A 89 -15.22 -35.61 22.01
N PRO A 90 -14.46 -35.25 23.05
CA PRO A 90 -14.98 -35.08 24.42
C PRO A 90 -16.14 -34.10 24.50
N LYS A 91 -16.96 -34.23 25.54
CA LYS A 91 -18.16 -33.40 25.68
C LYS A 91 -17.91 -32.17 26.54
N SER A 92 -16.75 -32.11 27.19
CA SER A 92 -16.39 -30.96 28.01
C SER A 92 -14.93 -30.58 27.78
N LYS A 93 -14.36 -29.82 28.72
CA LYS A 93 -12.98 -29.37 28.62
C LYS A 93 -12.01 -30.52 28.38
N PHE A 94 -11.21 -30.40 27.32
CA PHE A 94 -10.25 -31.44 26.99
C PHE A 94 -8.97 -30.84 26.42
N ALA A 95 -7.96 -31.69 26.25
CA ALA A 95 -6.69 -31.26 25.71
C ALA A 95 -6.36 -31.98 24.41
N PHE A 96 -6.22 -31.21 23.34
CA PHE A 96 -5.75 -31.77 22.08
C PHE A 96 -4.26 -31.52 21.95
N SER A 97 -3.52 -32.55 21.53
CA SER A 97 -2.09 -32.40 21.35
C SER A 97 -1.64 -33.02 20.04
N SER A 98 -0.51 -32.54 19.53
CA SER A 98 0.04 -33.07 18.28
C SER A 98 1.52 -32.74 18.14
N GLU A 99 2.21 -33.56 17.37
CA GLU A 99 3.58 -33.28 16.99
C GLU A 99 3.72 -33.40 15.49
N VAL A 100 4.13 -32.31 14.84
CA VAL A 100 4.27 -32.31 13.40
C VAL A 100 5.68 -31.91 13.00
N ILE A 101 6.07 -32.29 11.80
CA ILE A 101 7.35 -31.88 11.25
C ILE A 101 7.11 -30.90 10.12
N ILE A 102 7.73 -29.72 10.21
CA ILE A 102 7.70 -28.79 9.08
C ILE A 102 9.11 -28.46 8.61
N HIS A 103 9.19 -27.60 7.62
CA HIS A 103 10.37 -27.50 6.79
C HIS A 103 10.60 -26.07 6.28
N PRO A 104 10.98 -25.16 7.19
CA PRO A 104 11.12 -23.75 6.84
C PRO A 104 12.23 -23.49 5.82
N GLU A 105 13.21 -24.39 5.77
CA GLU A 105 14.36 -24.22 4.89
C GLU A 105 13.98 -24.35 3.41
N THR A 106 12.87 -25.04 3.14
CA THR A 106 12.41 -25.19 1.77
C THR A 106 11.07 -24.50 1.54
N ASN A 107 10.64 -23.70 2.52
CA ASN A 107 9.42 -22.92 2.40
C ASN A 107 9.69 -21.61 1.67
N TYR A 108 9.49 -21.61 0.36
CA TYR A 108 9.82 -20.47 -0.48
C TYR A 108 8.63 -19.53 -0.72
N ALA A 109 7.47 -19.94 -0.22
CA ALA A 109 6.25 -19.15 -0.37
C ALA A 109 6.15 -18.04 0.68
N LEU A 110 7.04 -18.10 1.67
CA LEU A 110 7.17 -17.08 2.71
C LEU A 110 5.87 -16.92 3.50
N THR A 111 5.14 -18.02 3.67
CA THR A 111 3.95 -18.05 4.50
C THR A 111 4.10 -19.18 5.51
N GLY A 112 3.69 -18.94 6.76
CA GLY A 112 3.92 -19.89 7.82
C GLY A 112 5.32 -19.70 8.38
N LEU A 113 5.99 -20.80 8.69
CA LEU A 113 7.37 -20.72 9.17
C LEU A 113 8.34 -20.93 8.01
N TYR A 114 9.26 -19.98 7.82
CA TYR A 114 10.22 -20.10 6.74
C TYR A 114 11.58 -19.52 7.10
N LYS A 115 12.57 -19.79 6.24
CA LYS A 115 13.93 -19.36 6.44
C LYS A 115 14.30 -18.27 5.44
N SER A 116 14.52 -17.05 5.95
CA SER A 116 15.01 -15.95 5.13
C SER A 116 16.51 -15.77 5.34
N LYS A 117 17.28 -16.20 4.35
CA LYS A 117 18.74 -16.30 4.48
C LYS A 117 19.11 -17.14 5.71
N ASN A 118 19.61 -16.49 6.75
CA ASN A 118 19.99 -17.20 7.97
C ASN A 118 19.08 -16.85 9.15
N ILE A 119 17.85 -16.44 8.84
CA ILE A 119 16.88 -16.12 9.88
C ILE A 119 15.62 -16.96 9.73
N ILE A 120 15.26 -17.67 10.80
CA ILE A 120 13.98 -18.36 10.84
C ILE A 120 12.91 -17.38 11.28
N VAL A 121 11.85 -17.25 10.48
CA VAL A 121 10.84 -16.24 10.72
C VAL A 121 9.47 -16.76 10.32
N SER A 122 8.42 -16.30 11.01
CA SER A 122 7.06 -16.70 10.67
C SER A 122 6.25 -15.55 10.06
N GLN A 123 5.22 -15.91 9.31
CA GLN A 123 4.22 -14.97 8.82
C GLN A 123 2.88 -15.69 8.81
N CYS A 124 1.98 -15.29 9.70
CA CYS A 124 0.77 -16.08 9.92
C CYS A 124 -0.51 -15.46 9.36
N GLU A 125 -0.58 -14.14 9.30
CA GLU A 125 -1.72 -13.50 8.63
C GLU A 125 -1.63 -13.81 7.13
N ALA A 126 -2.73 -14.25 6.53
CA ALA A 126 -4.00 -14.44 7.22
C ALA A 126 -4.24 -15.89 7.63
N THR A 127 -3.72 -16.82 6.82
CA THR A 127 -3.93 -18.24 7.05
C THR A 127 -2.61 -18.99 7.09
N GLY A 128 -1.62 -18.43 7.78
CA GLY A 128 -0.29 -19.01 7.83
C GLY A 128 0.00 -19.86 9.05
N PHE A 129 -0.76 -19.65 10.12
CA PHE A 129 -0.54 -20.42 11.35
C PHE A 129 -0.84 -21.90 11.13
N ARG A 130 -1.81 -22.19 10.26
CA ARG A 130 -2.18 -23.56 9.95
C ARG A 130 -1.06 -24.31 9.24
N ARG A 131 -0.06 -23.57 8.76
CA ARG A 131 1.10 -24.16 8.10
C ARG A 131 2.19 -24.50 9.10
N ILE A 132 1.96 -24.15 10.37
CA ILE A 132 2.92 -24.41 11.43
C ILE A 132 2.43 -25.54 12.33
N THR A 133 1.15 -25.50 12.67
CA THR A 133 0.53 -26.54 13.48
C THR A 133 -0.99 -26.52 13.29
N PHE A 134 -1.66 -27.55 13.80
CA PHE A 134 -3.11 -27.63 13.71
C PHE A 134 -3.78 -26.57 14.57
N PHE A 135 -4.84 -25.99 14.04
CA PHE A 135 -5.57 -24.93 14.74
C PHE A 135 -6.86 -24.63 14.00
N ILE A 136 -7.82 -24.04 14.70
CA ILE A 136 -9.00 -23.48 14.04
C ILE A 136 -8.61 -22.07 13.59
N ASP A 137 -7.95 -22.01 12.45
CA ASP A 137 -7.27 -20.81 11.97
C ASP A 137 -8.22 -19.72 11.50
N ARG A 138 -8.81 -19.02 12.45
CA ARG A 138 -9.69 -17.88 12.16
C ARG A 138 -9.55 -16.84 13.29
N PRO A 139 -9.72 -15.55 12.96
CA PRO A 139 -9.38 -14.48 13.90
C PRO A 139 -10.26 -14.39 15.15
N ASP A 140 -11.40 -15.07 15.18
CA ASP A 140 -12.28 -14.98 16.35
C ASP A 140 -11.99 -16.08 17.38
N MET A 141 -11.03 -16.95 17.08
CA MET A 141 -10.59 -17.95 18.04
C MET A 141 -9.46 -17.40 18.92
N MET A 142 -9.84 -16.74 20.00
CA MET A 142 -8.88 -16.10 20.91
C MET A 142 -8.33 -17.08 21.93
N ALA A 143 -7.01 -17.07 22.11
CA ALA A 143 -6.36 -18.00 23.03
C ALA A 143 -5.14 -17.39 23.71
N LYS A 144 -4.74 -17.99 24.82
CA LYS A 144 -3.50 -17.63 25.50
C LYS A 144 -2.35 -18.43 24.88
N TYR A 145 -1.14 -17.88 24.92
CA TYR A 145 -0.01 -18.53 24.26
C TYR A 145 1.22 -18.69 25.15
N ASP A 146 1.69 -19.93 25.24
CA ASP A 146 2.91 -20.27 25.96
C ASP A 146 3.86 -20.94 24.96
N VAL A 147 4.92 -20.24 24.57
CA VAL A 147 5.76 -20.69 23.46
C VAL A 147 7.21 -20.92 23.85
N THR A 148 7.72 -22.12 23.60
CA THR A 148 9.12 -22.43 23.80
C THR A 148 9.80 -22.69 22.46
N VAL A 149 10.94 -22.03 22.23
CA VAL A 149 11.69 -22.22 21.01
C VAL A 149 13.09 -22.74 21.34
N THR A 150 13.49 -23.81 20.65
CA THR A 150 14.83 -24.33 20.81
C THR A 150 15.53 -24.38 19.47
N ALA A 151 16.83 -24.10 19.48
CA ALA A 151 17.61 -24.12 18.27
C ALA A 151 19.09 -24.24 18.59
N ASP A 152 19.91 -24.48 17.55
CA ASP A 152 21.38 -24.42 17.62
C ASP A 152 21.83 -23.03 18.03
N LYS A 153 22.60 -22.95 19.11
CA LYS A 153 22.94 -21.67 19.71
C LYS A 153 23.83 -20.76 18.84
N GLU A 154 24.84 -21.30 18.19
CA GLU A 154 25.73 -20.44 17.43
C GLU A 154 25.07 -19.92 16.12
N LYS A 155 24.17 -20.70 15.51
CA LYS A 155 23.42 -20.19 14.35
C LYS A 155 22.23 -19.30 14.74
N TYR A 156 21.62 -19.58 15.89
CA TYR A 156 20.42 -18.85 16.28
C TYR A 156 20.47 -18.36 17.72
N PRO A 157 21.44 -17.49 18.04
CA PRO A 157 21.60 -17.03 19.43
C PRO A 157 20.43 -16.19 19.92
N VAL A 158 19.73 -15.51 19.02
CA VAL A 158 18.59 -14.69 19.40
C VAL A 158 17.27 -15.39 19.13
N LEU A 159 16.47 -15.58 20.17
CA LEU A 159 15.17 -16.22 20.05
C LEU A 159 14.07 -15.26 20.50
N LEU A 160 13.05 -15.09 19.65
CA LEU A 160 11.98 -14.15 19.95
C LEU A 160 10.59 -14.72 19.66
N SER A 161 9.65 -14.40 20.55
CA SER A 161 8.23 -14.67 20.32
C SER A 161 7.42 -13.63 21.07
N ASN A 162 6.09 -13.75 21.03
CA ASN A 162 5.23 -12.79 21.71
C ASN A 162 5.33 -12.90 23.23
N GLY A 163 5.01 -11.82 23.93
CA GLY A 163 4.92 -11.83 25.37
C GLY A 163 6.25 -11.69 26.09
N ASP A 164 6.28 -12.13 27.35
CA ASP A 164 7.48 -12.03 28.16
C ASP A 164 8.36 -13.26 28.02
N LYS A 165 9.67 -13.04 27.89
CA LYS A 165 10.63 -14.14 27.94
C LYS A 165 10.81 -14.55 29.39
N VAL A 166 10.27 -15.70 29.76
CA VAL A 166 10.23 -16.11 31.16
C VAL A 166 11.30 -17.14 31.51
N ASN A 167 11.99 -17.67 30.50
CA ASN A 167 13.06 -18.63 30.75
C ASN A 167 14.04 -18.76 29.59
N GLU A 168 15.32 -18.89 29.93
CA GLU A 168 16.37 -19.21 28.97
C GLU A 168 17.20 -20.35 29.54
N PHE A 169 17.53 -21.33 28.70
CA PHE A 169 18.23 -22.51 29.19
C PHE A 169 19.08 -23.18 28.13
N GLU A 170 20.17 -23.81 28.57
CA GLU A 170 21.07 -24.53 27.69
C GLU A 170 20.54 -25.92 27.40
N ILE A 171 20.91 -26.46 26.24
CA ILE A 171 20.50 -27.80 25.83
C ILE A 171 21.70 -28.59 25.32
N PRO A 172 21.87 -29.83 25.80
CA PRO A 172 22.96 -30.71 25.35
C PRO A 172 23.04 -30.81 23.83
N GLY A 173 24.23 -30.57 23.28
CA GLY A 173 24.44 -30.64 21.85
C GLY A 173 24.62 -29.27 21.21
N GLY A 174 25.03 -28.30 22.00
CA GLY A 174 25.27 -26.95 21.50
C GLY A 174 23.99 -26.17 21.23
N ARG A 175 22.88 -26.62 21.80
CA ARG A 175 21.60 -25.96 21.61
C ARG A 175 21.19 -25.15 22.83
N HIS A 176 20.20 -24.28 22.65
CA HIS A 176 19.63 -23.51 23.73
C HIS A 176 18.14 -23.33 23.50
N GLY A 177 17.43 -22.90 24.54
CA GLY A 177 15.99 -22.71 24.44
C GLY A 177 15.52 -21.42 25.07
N ALA A 178 14.33 -20.98 24.69
CA ALA A 178 13.72 -19.78 25.26
C ALA A 178 12.21 -19.96 25.39
N ARG A 179 11.68 -19.61 26.55
CA ARG A 179 10.25 -19.73 26.80
C ARG A 179 9.59 -18.36 26.85
N PHE A 180 8.51 -18.20 26.08
CA PHE A 180 7.77 -16.95 26.04
C PHE A 180 6.31 -17.15 26.43
N ASN A 181 5.89 -16.49 27.50
CA ASN A 181 4.49 -16.56 27.91
C ASN A 181 3.75 -15.27 27.62
N ASP A 182 2.62 -15.38 26.92
CA ASP A 182 1.83 -14.22 26.55
C ASP A 182 0.39 -14.40 27.02
N PRO A 183 0.12 -14.06 28.29
CA PRO A 183 -1.21 -14.23 28.92
C PRO A 183 -2.39 -13.56 28.22
N PRO A 184 -2.25 -12.33 27.69
CA PRO A 184 -3.45 -11.77 27.04
C PRO A 184 -3.92 -12.57 25.83
N LEU A 185 -5.23 -12.69 25.67
CA LEU A 185 -5.81 -13.42 24.54
C LEU A 185 -5.44 -12.75 23.22
N LYS A 186 -5.24 -13.56 22.19
CA LYS A 186 -4.99 -13.04 20.85
C LYS A 186 -5.40 -14.04 19.78
N PRO A 187 -5.71 -13.53 18.58
CA PRO A 187 -5.92 -14.40 17.41
C PRO A 187 -4.60 -14.99 16.93
N CYS A 188 -4.63 -16.14 16.29
CA CYS A 188 -3.39 -16.85 15.94
C CYS A 188 -2.60 -16.15 14.83
N TYR A 189 -3.25 -15.29 14.04
CA TYR A 189 -2.54 -14.63 12.95
C TYR A 189 -1.55 -13.60 13.49
N LEU A 190 -1.65 -13.29 14.78
CA LEU A 190 -0.74 -12.37 15.43
C LEU A 190 0.41 -13.08 16.15
N PHE A 191 0.41 -14.40 16.10
CA PHE A 191 1.54 -15.17 16.62
C PHE A 191 2.77 -14.95 15.75
N ALA A 192 3.95 -14.94 16.36
CA ALA A 192 5.19 -14.84 15.62
C ALA A 192 6.37 -15.46 16.36
N VAL A 193 7.33 -15.95 15.60
CA VAL A 193 8.58 -16.47 16.16
C VAL A 193 9.74 -16.10 15.24
N VAL A 194 10.85 -15.71 15.85
CA VAL A 194 12.06 -15.34 15.11
C VAL A 194 13.28 -15.98 15.74
N ALA A 195 14.16 -16.52 14.90
CA ALA A 195 15.43 -17.08 15.37
C ALA A 195 16.56 -16.71 14.41
N GLY A 196 17.69 -16.26 14.96
CA GLY A 196 18.83 -15.93 14.14
C GLY A 196 19.96 -15.20 14.84
N ASP A 197 21.04 -14.96 14.11
CA ASP A 197 22.19 -14.23 14.62
C ASP A 197 21.94 -12.74 14.45
N LEU A 198 21.00 -12.21 15.23
CA LEU A 198 20.55 -10.83 15.07
C LEU A 198 21.35 -9.84 15.91
N LYS A 199 21.67 -8.69 15.31
CA LYS A 199 22.24 -7.57 16.04
C LYS A 199 21.17 -6.49 16.16
N HIS A 200 21.31 -5.61 17.16
CA HIS A 200 20.22 -4.68 17.44
C HIS A 200 20.69 -3.28 17.84
N LEU A 201 19.77 -2.33 17.71
CA LEU A 201 19.86 -1.04 18.37
C LEU A 201 18.75 -0.97 19.41
N SER A 202 18.99 -0.26 20.50
CA SER A 202 18.04 -0.26 21.61
C SER A 202 17.79 1.14 22.17
N ALA A 203 16.63 1.30 22.79
CA ALA A 203 16.25 2.55 23.44
C ALA A 203 15.13 2.30 24.44
N THR A 204 14.95 3.22 25.38
CA THR A 204 13.87 3.13 26.35
C THR A 204 12.89 4.28 26.17
N TYR A 205 11.61 3.95 26.00
CA TYR A 205 10.58 4.96 25.85
C TYR A 205 9.72 5.02 27.10
N ILE A 206 9.50 6.23 27.60
CA ILE A 206 8.63 6.43 28.76
C ILE A 206 7.31 7.04 28.31
N THR A 207 6.21 6.32 28.56
CA THR A 207 4.90 6.74 28.08
C THR A 207 4.45 8.03 28.76
N LYS A 208 3.56 8.74 28.08
CA LYS A 208 3.20 10.11 28.43
C LYS A 208 2.42 10.24 29.74
N TYR A 209 1.50 9.32 29.99
CA TYR A 209 0.54 9.49 31.09
C TYR A 209 0.82 8.58 32.29
N THR A 210 1.11 7.31 32.05
CA THR A 210 1.36 6.37 33.14
C THR A 210 2.85 6.19 33.41
N LYS A 211 3.68 6.88 32.63
CA LYS A 211 5.13 6.88 32.81
C LYS A 211 5.73 5.47 32.76
N LYS A 212 5.10 4.58 32.00
CA LYS A 212 5.57 3.22 31.85
C LYS A 212 6.82 3.15 30.99
N LYS A 213 7.82 2.40 31.44
CA LYS A 213 9.05 2.23 30.67
C LYS A 213 8.90 1.13 29.62
N VAL A 214 9.11 1.50 28.36
CA VAL A 214 9.00 0.56 27.25
C VAL A 214 10.35 0.39 26.54
N GLU A 215 10.83 -0.85 26.48
CA GLU A 215 12.07 -1.13 25.77
C GLU A 215 11.82 -1.29 24.28
N LEU A 216 12.59 -0.56 23.48
CA LEU A 216 12.47 -0.61 22.03
C LEU A 216 13.69 -1.27 21.40
N TYR A 217 13.47 -2.36 20.68
CA TYR A 217 14.55 -3.05 19.99
C TYR A 217 14.30 -3.14 18.49
N VAL A 218 15.32 -2.81 17.71
CA VAL A 218 15.26 -3.00 16.26
C VAL A 218 16.37 -3.96 15.82
N PHE A 219 15.99 -5.01 15.10
CA PHE A 219 16.93 -6.08 14.75
C PHE A 219 17.21 -6.18 13.26
N SER A 220 18.42 -6.62 12.93
CA SER A 220 18.78 -6.97 11.56
C SER A 220 19.95 -7.94 11.60
N GLU A 221 20.33 -8.47 10.44
CA GLU A 221 21.54 -9.27 10.36
C GLU A 221 22.73 -8.35 10.61
N GLU A 222 23.85 -8.93 11.02
CA GLU A 222 25.01 -8.16 11.46
C GLU A 222 25.52 -7.19 10.40
N LYS A 223 25.49 -7.60 9.14
CA LYS A 223 26.04 -6.79 8.05
C LYS A 223 25.35 -5.44 7.92
N TYR A 224 24.07 -5.37 8.28
CA TYR A 224 23.31 -4.14 8.05
C TYR A 224 22.82 -3.48 9.34
N VAL A 225 23.49 -3.75 10.45
CA VAL A 225 23.09 -3.18 11.74
C VAL A 225 23.24 -1.66 11.74
N SER A 226 24.07 -1.13 10.85
CA SER A 226 24.29 0.30 10.75
C SER A 226 23.14 1.03 10.05
N LYS A 227 22.14 0.27 9.61
CA LYS A 227 21.00 0.85 8.89
C LYS A 227 19.73 0.82 9.72
N LEU A 228 19.87 0.79 11.04
CA LEU A 228 18.74 0.61 11.95
C LEU A 228 18.27 1.88 12.63
N GLN A 229 19.05 2.94 12.54
CA GLN A 229 18.81 4.15 13.34
C GLN A 229 17.50 4.87 13.01
N TRP A 230 17.23 5.08 11.73
CA TRP A 230 16.03 5.81 11.32
C TRP A 230 14.77 5.09 11.78
N ALA A 231 14.77 3.77 11.65
CA ALA A 231 13.65 2.93 12.08
C ALA A 231 13.32 3.16 13.56
N LEU A 232 14.34 3.19 14.40
CA LEU A 232 14.14 3.39 15.83
C LEU A 232 13.54 4.77 16.11
N GLU A 233 14.01 5.78 15.36
CA GLU A 233 13.47 7.13 15.48
C GLU A 233 12.01 7.19 15.08
N CYS A 234 11.67 6.51 13.99
CA CYS A 234 10.29 6.45 13.50
C CYS A 234 9.37 5.84 14.54
N LEU A 235 9.85 4.79 15.21
CA LEU A 235 9.07 4.11 16.23
C LEU A 235 8.76 5.06 17.39
N LYS A 236 9.78 5.80 17.83
CA LYS A 236 9.61 6.81 18.87
C LYS A 236 8.58 7.84 18.45
N LYS A 237 8.70 8.30 17.21
CA LYS A 237 7.76 9.27 16.64
C LYS A 237 6.35 8.72 16.60
N SER A 238 6.22 7.43 16.29
CA SER A 238 4.92 6.78 16.19
C SER A 238 4.23 6.71 17.54
N MET A 239 4.98 6.30 18.56
CA MET A 239 4.44 6.19 19.92
C MET A 239 3.97 7.54 20.41
N ALA A 240 4.75 8.58 20.15
CA ALA A 240 4.43 9.93 20.59
C ALA A 240 3.16 10.45 19.92
N PHE A 241 3.00 10.16 18.63
CA PHE A 241 1.87 10.68 17.88
C PHE A 241 0.55 10.09 18.37
N ASP A 242 0.53 8.80 18.65
CA ASP A 242 -0.67 8.15 19.14
C ASP A 242 -0.99 8.65 20.55
N GLU A 243 0.04 9.05 21.27
CA GLU A 243 -0.13 9.67 22.58
C GLU A 243 -0.69 11.09 22.45
N ASP A 244 -0.16 11.85 21.50
CA ASP A 244 -0.51 13.26 21.38
C ASP A 244 -1.83 13.48 20.66
N TYR A 245 -2.07 12.73 19.59
CA TYR A 245 -3.30 12.90 18.82
C TYR A 245 -4.46 12.14 19.43
N PHE A 246 -4.25 10.85 19.72
CA PHE A 246 -5.34 9.98 20.15
C PHE A 246 -5.34 9.69 21.66
N GLY A 247 -4.30 10.12 22.35
CA GLY A 247 -4.19 9.91 23.78
C GLY A 247 -4.01 8.45 24.16
N LEU A 248 -3.29 7.71 23.33
CA LEU A 248 -3.13 6.27 23.52
C LEU A 248 -1.67 5.88 23.72
N GLU A 249 -1.39 5.18 24.83
CA GLU A 249 -0.04 4.68 25.09
C GLU A 249 0.11 3.21 24.80
N TYR A 250 1.36 2.78 24.62
CA TYR A 250 1.70 1.38 24.47
C TYR A 250 1.44 0.65 25.79
N ASP A 251 1.00 -0.60 25.72
CA ASP A 251 0.59 -1.32 26.91
C ASP A 251 1.51 -2.47 27.30
N LEU A 252 2.52 -2.74 26.47
CA LEU A 252 3.46 -3.82 26.76
C LEU A 252 4.81 -3.28 27.19
N SER A 253 5.61 -4.14 27.82
CA SER A 253 6.90 -3.73 28.38
C SER A 253 7.97 -3.60 27.30
N ARG A 254 7.77 -4.26 26.16
CA ARG A 254 8.79 -4.31 25.13
C ARG A 254 8.18 -4.43 23.73
N LEU A 255 8.82 -3.79 22.76
CA LEU A 255 8.41 -3.89 21.36
C LEU A 255 9.63 -4.16 20.49
N ASN A 256 9.59 -5.27 19.75
CA ASN A 256 10.68 -5.62 18.85
C ASN A 256 10.33 -5.39 17.39
N LEU A 257 11.26 -4.80 16.64
CA LEU A 257 11.14 -4.69 15.19
C LEU A 257 12.25 -5.50 14.55
N VAL A 258 11.88 -6.39 13.62
CA VAL A 258 12.87 -7.27 13.00
C VAL A 258 12.82 -7.22 11.47
N ALA A 259 13.97 -6.99 10.85
CA ALA A 259 14.06 -6.97 9.40
C ALA A 259 14.51 -8.31 8.84
N VAL A 260 13.85 -8.76 7.79
CA VAL A 260 14.27 -9.96 7.06
C VAL A 260 14.33 -9.64 5.57
N SER A 261 15.19 -10.36 4.85
CA SER A 261 15.42 -10.07 3.43
C SER A 261 14.28 -10.56 2.54
N ASP A 262 13.63 -11.63 2.95
CA ASP A 262 12.55 -12.22 2.15
C ASP A 262 11.19 -12.01 2.81
N PHE A 263 10.37 -11.15 2.20
CA PHE A 263 9.05 -10.85 2.72
C PHE A 263 8.11 -10.47 1.59
N ASN A 264 6.88 -10.97 1.63
CA ASN A 264 5.92 -10.76 0.55
C ASN A 264 5.39 -9.34 0.47
N VAL A 265 5.28 -8.69 1.62
CA VAL A 265 4.76 -7.32 1.69
C VAL A 265 5.75 -6.42 2.41
N GLY A 266 5.27 -5.27 2.90
CA GLY A 266 6.10 -4.35 3.64
C GLY A 266 6.43 -4.82 5.05
N ALA A 267 5.40 -5.11 5.84
CA ALA A 267 5.60 -5.61 7.20
C ALA A 267 4.35 -6.23 7.81
N MET A 268 4.48 -6.70 9.05
CA MET A 268 3.41 -7.39 9.75
C MET A 268 3.37 -6.97 11.22
N GLU A 269 2.17 -6.84 11.78
CA GLU A 269 1.99 -6.24 13.11
C GLU A 269 1.92 -7.23 14.27
N ASN A 270 2.66 -8.34 14.20
CA ASN A 270 2.66 -9.33 15.28
C ASN A 270 2.92 -8.69 16.64
N LYS A 271 2.07 -9.03 17.61
CA LYS A 271 2.05 -8.39 18.92
C LYS A 271 3.41 -8.34 19.61
N GLY A 272 3.97 -7.15 19.73
CA GLY A 272 5.24 -6.94 20.38
C GLY A 272 6.42 -7.45 19.57
N LEU A 273 6.14 -7.95 18.37
CA LEU A 273 7.17 -8.52 17.52
C LEU A 273 6.87 -8.22 16.05
N ASN A 274 6.98 -6.94 15.67
CA ASN A 274 6.72 -6.56 14.29
C ASN A 274 7.84 -7.02 13.36
N ILE A 275 7.47 -7.65 12.27
CA ILE A 275 8.44 -8.21 11.33
C ILE A 275 8.38 -7.48 9.99
N PHE A 276 9.53 -7.04 9.50
CA PHE A 276 9.60 -6.14 8.36
C PHE A 276 10.35 -6.72 7.17
N ASN A 277 9.83 -6.44 5.97
CA ASN A 277 10.66 -6.49 4.77
C ASN A 277 11.83 -5.56 5.03
N ALA A 278 13.05 -6.02 4.75
CA ALA A 278 14.24 -5.22 5.00
C ALA A 278 14.17 -3.86 4.31
N ASN A 279 13.53 -3.79 3.15
CA ASN A 279 13.46 -2.53 2.40
C ASN A 279 12.51 -1.52 3.03
N SER A 280 11.79 -1.96 4.06
CA SER A 280 10.84 -1.09 4.74
C SER A 280 11.23 -0.86 6.20
N LEU A 281 12.46 -1.20 6.55
CA LEU A 281 12.97 -0.96 7.90
C LEU A 281 14.40 -0.42 7.88
N LEU A 282 15.20 -0.85 6.91
CA LEU A 282 16.61 -0.51 6.90
C LEU A 282 16.95 0.62 5.92
N ALA A 283 17.81 1.54 6.37
CA ALA A 283 18.31 2.60 5.50
C ALA A 283 19.53 3.30 6.09
N SER A 284 20.42 3.74 5.20
CA SER A 284 21.47 4.68 5.55
C SER A 284 21.57 5.67 4.39
N LYS A 285 22.07 6.87 4.66
CA LYS A 285 22.10 7.91 3.64
C LYS A 285 23.06 7.58 2.50
N LYS A 286 24.04 6.73 2.77
CA LYS A 286 24.99 6.33 1.74
C LYS A 286 24.45 5.21 0.85
N ASN A 287 23.58 4.37 1.42
CA ASN A 287 23.14 3.16 0.73
C ASN A 287 21.63 3.08 0.47
N SER A 288 20.93 4.20 0.57
CA SER A 288 19.49 4.22 0.32
C SER A 288 19.07 5.47 -0.43
N ILE A 289 18.09 5.32 -1.33
CA ILE A 289 17.49 6.46 -1.99
C ILE A 289 16.55 7.17 -1.03
N ASP A 290 16.17 8.40 -1.37
CA ASP A 290 15.38 9.24 -0.47
C ASP A 290 14.03 8.62 -0.10
N PHE A 291 13.40 7.93 -1.05
CA PHE A 291 12.08 7.36 -0.83
CA PHE A 291 12.09 7.32 -0.85
C PHE A 291 12.05 6.39 0.37
N SER A 292 13.17 5.76 0.65
CA SER A 292 13.26 4.81 1.77
C SER A 292 12.83 5.42 3.09
N TYR A 293 13.10 6.71 3.27
CA TYR A 293 12.86 7.36 4.55
C TYR A 293 11.38 7.60 4.80
N ALA A 294 10.65 8.00 3.77
CA ALA A 294 9.20 8.10 3.87
C ALA A 294 8.58 6.72 4.00
N ARG A 295 9.16 5.74 3.30
CA ARG A 295 8.67 4.36 3.32
C ARG A 295 8.77 3.74 4.71
N ILE A 296 9.93 3.88 5.34
CA ILE A 296 10.15 3.33 6.68
C ILE A 296 9.25 3.99 7.70
N LEU A 297 9.12 5.32 7.61
CA LEU A 297 8.25 6.07 8.51
C LEU A 297 6.82 5.56 8.42
N THR A 298 6.34 5.38 7.20
CA THR A 298 4.99 4.89 6.95
CA THR A 298 4.99 4.89 6.94
C THR A 298 4.77 3.49 7.51
N VAL A 299 5.68 2.58 7.18
CA VAL A 299 5.50 1.18 7.54
C VAL A 299 5.71 0.92 9.04
N VAL A 300 6.74 1.53 9.62
CA VAL A 300 6.94 1.44 11.06
C VAL A 300 5.74 2.02 11.79
N GLY A 301 5.31 3.21 11.37
CA GLY A 301 4.13 3.84 11.93
C GLY A 301 2.91 2.95 11.80
N HIS A 302 2.67 2.45 10.59
CA HIS A 302 1.52 1.59 10.32
C HIS A 302 1.43 0.39 11.28
N GLU A 303 2.52 -0.36 11.39
CA GLU A 303 2.49 -1.55 12.23
C GLU A 303 2.30 -1.19 13.71
N TYR A 304 2.81 -0.03 14.11
CA TYR A 304 2.64 0.41 15.50
C TYR A 304 1.18 0.75 15.79
N PHE A 305 0.55 1.48 14.88
CA PHE A 305 -0.83 1.93 15.08
C PHE A 305 -1.79 0.76 15.12
N HIS A 306 -1.39 -0.35 14.52
CA HIS A 306 -2.16 -1.59 14.58
C HIS A 306 -2.38 -2.08 16.01
N GLN A 307 -1.46 -1.74 16.91
CA GLN A 307 -1.50 -2.23 18.28
C GLN A 307 -2.85 -1.94 18.93
N TYR A 308 -3.45 -0.80 18.58
CA TYR A 308 -4.82 -0.51 18.99
C TYR A 308 -5.82 -0.96 17.93
N THR A 309 -5.69 -0.44 16.72
CA THR A 309 -6.63 -0.74 15.66
C THR A 309 -6.21 -2.01 14.90
N GLY A 310 -6.48 -3.15 15.52
CA GLY A 310 -6.12 -4.43 14.93
C GLY A 310 -5.72 -5.46 15.98
N ASN A 311 -4.92 -5.03 16.95
CA ASN A 311 -4.40 -5.94 17.96
C ASN A 311 -5.21 -5.95 19.26
N ARG A 312 -5.54 -4.77 19.77
CA ARG A 312 -6.36 -4.68 20.98
C ARG A 312 -7.84 -4.73 20.63
N VAL A 313 -8.21 -4.00 19.58
CA VAL A 313 -9.52 -4.17 18.96
C VAL A 313 -9.31 -4.94 17.66
N THR A 314 -9.71 -6.21 17.66
CA THR A 314 -9.42 -7.09 16.53
C THR A 314 -10.65 -7.39 15.68
N LEU A 315 -10.50 -8.30 14.73
CA LEU A 315 -11.55 -8.60 13.76
C LEU A 315 -12.37 -9.84 14.13
N ARG A 316 -13.67 -9.76 13.89
CA ARG A 316 -14.55 -10.91 14.06
C ARG A 316 -14.30 -11.94 12.97
N ASP A 317 -14.16 -11.45 11.74
CA ASP A 317 -13.91 -12.29 10.58
C ASP A 317 -13.11 -11.49 9.55
N TRP A 318 -12.63 -12.16 8.51
CA TRP A 318 -11.76 -11.48 7.54
C TRP A 318 -12.48 -10.49 6.64
N PHE A 319 -13.81 -10.57 6.59
CA PHE A 319 -14.57 -9.61 5.80
C PHE A 319 -14.48 -8.22 6.40
N GLN A 320 -14.11 -8.15 7.68
CA GLN A 320 -13.95 -6.87 8.37
C GLN A 320 -12.53 -6.32 8.22
N LEU A 321 -11.77 -6.86 7.26
CA LEU A 321 -10.36 -6.51 7.11
C LEU A 321 -10.10 -5.01 7.03
N THR A 322 -10.97 -4.30 6.31
CA THR A 322 -10.78 -2.86 6.12
C THR A 322 -10.94 -2.09 7.43
N LEU A 323 -11.63 -2.69 8.40
CA LEU A 323 -11.82 -2.06 9.71
C LEU A 323 -10.48 -1.87 10.43
N LYS A 324 -9.54 -2.79 10.23
CA LYS A 324 -8.24 -2.60 10.85
C LYS A 324 -7.22 -2.05 9.86
N GLU A 325 -7.41 -2.31 8.57
CA GLU A 325 -6.43 -1.85 7.59
C GLU A 325 -6.72 -0.45 7.09
N GLY A 326 -7.94 -0.19 6.64
CA GLY A 326 -8.32 1.15 6.23
C GLY A 326 -8.10 2.15 7.35
N LEU A 327 -8.46 1.74 8.57
CA LEU A 327 -8.34 2.63 9.72
C LEU A 327 -6.88 2.86 10.12
N THR A 328 -6.04 1.85 9.97
CA THR A 328 -4.63 1.97 10.33
C THR A 328 -3.85 2.78 9.30
N VAL A 329 -4.19 2.61 8.02
CA VAL A 329 -3.59 3.43 6.97
C VAL A 329 -3.96 4.89 7.21
N HIS A 330 -5.23 5.12 7.54
CA HIS A 330 -5.71 6.47 7.86
C HIS A 330 -4.92 7.07 9.02
N ARG A 331 -4.76 6.29 10.09
CA ARG A 331 -3.98 6.73 11.25
C ARG A 331 -2.54 7.02 10.86
N GLU A 332 -2.01 6.22 9.94
CA GLU A 332 -0.65 6.39 9.45
C GLU A 332 -0.51 7.66 8.61
N ASN A 333 -1.54 7.97 7.82
CA ASN A 333 -1.51 9.18 7.00
C ASN A 333 -1.48 10.44 7.86
N LEU A 334 -2.32 10.46 8.90
CA LEU A 334 -2.34 11.56 9.86
C LEU A 334 -0.96 11.74 10.46
N PHE A 335 -0.34 10.62 10.80
CA PHE A 335 0.99 10.59 11.39
C PHE A 335 2.04 11.16 10.44
N SER A 336 2.10 10.61 9.22
CA SER A 336 3.09 11.01 8.24
C SER A 336 2.94 12.47 7.80
N GLU A 337 1.69 12.90 7.62
CA GLU A 337 1.44 14.30 7.27
C GLU A 337 1.94 15.23 8.37
N GLU A 338 1.81 14.79 9.61
CA GLU A 338 2.28 15.57 10.76
C GLU A 338 3.81 15.56 10.86
N MET A 339 4.42 14.44 10.48
CA MET A 339 5.86 14.29 10.61
C MET A 339 6.64 14.98 9.49
N THR A 340 6.11 14.93 8.27
CA THR A 340 6.82 15.47 7.10
C THR A 340 6.60 16.96 6.92
N LYS A 341 5.41 17.43 7.31
CA LYS A 341 5.03 18.83 7.16
C LYS A 341 5.19 19.32 5.71
N THR A 342 4.91 18.44 4.76
CA THR A 342 4.95 18.79 3.35
C THR A 342 3.62 18.40 2.69
N VAL A 343 3.12 19.25 1.80
CA VAL A 343 1.83 19.00 1.17
C VAL A 343 1.87 17.82 0.19
N THR A 344 3.08 17.44 -0.21
CA THR A 344 3.23 16.34 -1.16
C THR A 344 2.90 14.99 -0.55
N THR A 345 2.94 14.91 0.78
CA THR A 345 2.59 13.67 1.47
C THR A 345 1.15 13.28 1.14
N ARG A 346 0.22 14.21 1.34
CA ARG A 346 -1.18 13.97 1.01
C ARG A 346 -1.37 13.80 -0.49
N LEU A 347 -0.66 14.62 -1.27
CA LEU A 347 -0.76 14.56 -2.73
C LEU A 347 -0.34 13.20 -3.28
N SER A 348 0.70 12.63 -2.69
CA SER A 348 1.24 11.34 -3.16
C SER A 348 0.25 10.19 -2.95
N HIS A 349 -0.52 10.25 -1.88
CA HIS A 349 -1.44 9.15 -1.63
CA HIS A 349 -1.52 9.24 -1.53
C HIS A 349 -2.77 9.37 -2.37
N VAL A 350 -3.04 10.61 -2.81
CA VAL A 350 -4.18 10.85 -3.68
C VAL A 350 -3.78 10.40 -5.08
N ASP A 351 -2.54 10.71 -5.43
CA ASP A 351 -1.97 10.32 -6.72
C ASP A 351 -1.99 8.81 -6.89
N LEU A 352 -1.65 8.08 -5.83
CA LEU A 352 -1.66 6.62 -5.87
C LEU A 352 -3.08 6.06 -5.95
N LEU A 353 -4.00 6.66 -5.18
CA LEU A 353 -5.39 6.22 -5.17
C LEU A 353 -6.05 6.37 -6.54
N ARG A 354 -5.95 7.56 -7.13
CA ARG A 354 -6.65 7.85 -8.37
C ARG A 354 -6.02 7.16 -9.57
N SER A 355 -4.82 6.60 -9.37
CA SER A 355 -4.18 5.83 -10.42
C SER A 355 -4.46 4.34 -10.23
N VAL A 356 -3.81 3.75 -9.23
CA VAL A 356 -3.88 2.31 -9.00
C VAL A 356 -5.25 1.83 -8.52
N GLN A 357 -5.83 2.51 -7.53
CA GLN A 357 -7.08 2.04 -6.93
C GLN A 357 -8.27 2.31 -7.85
N PHE A 358 -8.28 3.46 -8.51
CA PHE A 358 -9.36 3.77 -9.45
C PHE A 358 -9.35 2.77 -10.61
N LEU A 359 -8.15 2.35 -11.01
CA LEU A 359 -8.00 1.34 -12.06
C LEU A 359 -8.67 0.04 -11.61
N GLU A 360 -8.36 -0.40 -10.39
CA GLU A 360 -8.92 -1.63 -9.85
C GLU A 360 -10.44 -1.54 -9.76
N ASP A 361 -10.94 -0.37 -9.36
CA ASP A 361 -12.36 -0.20 -9.10
C ASP A 361 -13.22 -0.17 -10.37
N SER A 362 -12.57 0.01 -11.52
CA SER A 362 -13.28 -0.02 -12.79
C SER A 362 -12.92 -1.28 -13.58
N SER A 363 -12.08 -2.12 -12.98
CA SER A 363 -11.67 -3.37 -13.59
C SER A 363 -12.65 -4.49 -13.25
N PRO A 364 -12.52 -5.67 -13.90
CA PRO A 364 -13.36 -6.80 -13.50
C PRO A 364 -13.09 -7.28 -12.07
N LEU A 365 -12.01 -6.80 -11.45
CA LEU A 365 -11.67 -7.17 -10.09
C LEU A 365 -12.35 -6.29 -9.04
N SER A 366 -13.17 -5.35 -9.51
CA SER A 366 -13.81 -4.37 -8.63
C SER A 366 -14.59 -4.99 -7.48
N HIS A 367 -14.38 -4.44 -6.28
CA HIS A 367 -15.05 -4.93 -5.09
C HIS A 367 -15.21 -3.80 -4.08
N PRO A 368 -16.21 -3.90 -3.19
CA PRO A 368 -16.33 -2.92 -2.10
C PRO A 368 -15.24 -3.14 -1.06
N ILE A 369 -15.04 -2.17 -0.17
CA ILE A 369 -13.98 -2.30 0.83
C ILE A 369 -14.32 -3.39 1.84
N ARG A 370 -15.60 -3.76 1.90
CA ARG A 370 -16.01 -4.99 2.60
C ARG A 370 -16.71 -5.92 1.62
N PRO A 371 -15.96 -6.84 1.01
CA PRO A 371 -16.48 -7.78 0.03
C PRO A 371 -17.55 -8.71 0.60
N GLU A 372 -18.38 -9.28 -0.27
CA GLU A 372 -19.43 -10.18 0.16
C GLU A 372 -18.97 -11.63 0.14
N SER A 373 -17.84 -11.87 -0.51
CA SER A 373 -17.33 -13.24 -0.64
C SER A 373 -15.84 -13.26 -0.98
N TYR A 374 -15.21 -14.40 -0.71
CA TYR A 374 -13.84 -14.64 -1.15
C TYR A 374 -13.58 -16.13 -1.33
N VAL A 375 -12.59 -16.45 -2.16
CA VAL A 375 -12.13 -17.83 -2.31
C VAL A 375 -10.75 -17.95 -1.69
N SER A 376 -9.80 -17.20 -2.24
CA SER A 376 -8.44 -17.18 -1.72
C SER A 376 -8.21 -15.94 -0.87
N MET A 377 -7.96 -16.14 0.41
CA MET A 377 -7.68 -15.04 1.33
C MET A 377 -6.40 -14.31 0.94
N GLU A 378 -5.54 -14.99 0.20
CA GLU A 378 -4.26 -14.43 -0.21
C GLU A 378 -4.41 -13.46 -1.39
N ASN A 379 -5.65 -13.19 -1.78
CA ASN A 379 -5.93 -12.18 -2.80
C ASN A 379 -6.80 -11.06 -2.26
N PHE A 380 -7.05 -11.12 -0.95
CA PHE A 380 -8.00 -10.24 -0.28
C PHE A 380 -7.40 -8.87 0.06
N TYR A 381 -6.07 -8.81 0.17
CA TYR A 381 -5.40 -7.60 0.65
C TYR A 381 -5.07 -6.66 -0.50
N THR A 382 -6.06 -5.86 -0.87
CA THR A 382 -6.00 -5.04 -2.08
C THR A 382 -5.87 -3.55 -1.79
N THR A 383 -5.57 -2.78 -2.83
CA THR A 383 -5.51 -1.33 -2.72
C THR A 383 -6.89 -0.76 -2.42
N THR A 384 -7.94 -1.48 -2.80
CA THR A 384 -9.31 -1.05 -2.50
C THR A 384 -9.57 -1.12 -1.00
N VAL A 385 -9.32 -2.29 -0.42
CA VAL A 385 -9.51 -2.50 1.01
C VAL A 385 -8.64 -1.55 1.83
N TYR A 386 -7.40 -1.36 1.38
CA TYR A 386 -6.44 -0.53 2.11
C TYR A 386 -6.61 0.96 1.86
N ASP A 387 -6.51 1.37 0.60
CA ASP A 387 -6.39 2.78 0.26
C ASP A 387 -7.74 3.48 0.10
N LYS A 388 -8.71 2.82 -0.52
CA LYS A 388 -10.06 3.37 -0.53
C LYS A 388 -10.61 3.28 0.88
N GLY A 389 -10.28 2.19 1.57
CA GLY A 389 -10.66 2.01 2.96
C GLY A 389 -10.20 3.16 3.82
N SER A 390 -8.95 3.59 3.61
CA SER A 390 -8.38 4.70 4.37
CA SER A 390 -8.37 4.70 4.36
C SER A 390 -9.12 6.00 4.08
N GLU A 391 -9.48 6.21 2.82
CA GLU A 391 -10.22 7.41 2.43
C GLU A 391 -11.61 7.42 3.04
N VAL A 392 -12.22 6.24 3.15
CA VAL A 392 -13.52 6.12 3.80
C VAL A 392 -13.40 6.43 5.29
N MET A 393 -12.30 5.97 5.90
CA MET A 393 -12.04 6.25 7.31
C MET A 393 -11.71 7.73 7.50
N ARG A 394 -11.04 8.32 6.51
CA ARG A 394 -10.66 9.72 6.58
C ARG A 394 -11.89 10.64 6.48
N MET A 395 -12.88 10.22 5.71
CA MET A 395 -14.08 11.03 5.51
C MET A 395 -14.85 11.25 6.82
N TYR A 396 -14.74 10.31 7.74
CA TYR A 396 -15.31 10.48 9.08
C TYR A 396 -14.75 11.74 9.74
N LEU A 397 -13.42 11.91 9.62
CA LEU A 397 -12.73 13.05 10.19
C LEU A 397 -13.13 14.35 9.49
N THR A 398 -13.28 14.31 8.18
CA THR A 398 -13.70 15.46 7.40
C THR A 398 -15.11 15.90 7.81
N ILE A 399 -15.99 14.93 7.97
CA ILE A 399 -17.38 15.19 8.34
C ILE A 399 -17.51 15.73 9.77
N LEU A 400 -16.80 15.10 10.71
CA LEU A 400 -16.96 15.40 12.13
C LEU A 400 -16.11 16.56 12.61
N GLY A 401 -15.02 16.83 11.92
CA GLY A 401 -14.04 17.78 12.43
C GLY A 401 -13.13 17.08 13.43
N GLU A 402 -11.99 17.68 13.73
CA GLU A 402 -10.98 17.02 14.54
C GLU A 402 -11.46 16.67 15.95
N GLU A 403 -12.17 17.60 16.59
CA GLU A 403 -12.61 17.41 17.97
C GLU A 403 -13.59 16.25 18.12
N TYR A 404 -14.66 16.27 17.34
CA TYR A 404 -15.68 15.25 17.44
C TYR A 404 -15.21 13.91 16.87
N TYR A 405 -14.24 13.95 15.97
CA TYR A 405 -13.67 12.71 15.47
C TYR A 405 -12.89 11.99 16.57
N LYS A 406 -12.06 12.75 17.29
CA LYS A 406 -11.31 12.19 18.40
C LYS A 406 -12.25 11.63 19.47
N LYS A 407 -13.39 12.28 19.66
CA LYS A 407 -14.42 11.79 20.57
C LYS A 407 -14.94 10.44 20.09
N GLY A 408 -15.35 10.39 18.83
CA GLY A 408 -15.89 9.18 18.24
C GLY A 408 -14.89 8.03 18.24
N PHE A 409 -13.64 8.34 17.92
CA PHE A 409 -12.60 7.32 17.88
C PHE A 409 -12.38 6.72 19.26
N ASP A 410 -12.40 7.57 20.27
CA ASP A 410 -12.19 7.12 21.65
C ASP A 410 -13.34 6.24 22.11
N ILE A 411 -14.56 6.59 21.70
CA ILE A 411 -15.73 5.77 21.97
C ILE A 411 -15.53 4.37 21.39
N TYR A 412 -15.01 4.32 20.17
CA TYR A 412 -14.75 3.06 19.49
C TYR A 412 -13.73 2.20 20.24
N ILE A 413 -12.65 2.84 20.70
CA ILE A 413 -11.59 2.13 21.39
C ILE A 413 -12.04 1.65 22.78
N LYS A 414 -12.61 2.55 23.56
CA LYS A 414 -13.01 2.23 24.93
C LYS A 414 -14.11 1.16 24.99
N LYS A 415 -14.98 1.15 23.99
CA LYS A 415 -16.10 0.22 23.98
C LYS A 415 -15.71 -1.16 23.47
N ASN A 416 -14.74 -1.22 22.55
CA ASN A 416 -14.39 -2.46 21.89
C ASN A 416 -13.02 -3.00 22.25
N ASP A 417 -12.32 -2.33 23.17
CA ASP A 417 -11.00 -2.76 23.60
C ASP A 417 -11.08 -4.17 24.20
N GLY A 418 -10.24 -5.07 23.68
CA GLY A 418 -10.19 -6.42 24.19
C GLY A 418 -11.08 -7.42 23.48
N ASN A 419 -11.99 -6.94 22.63
CA ASN A 419 -12.85 -7.85 21.90
CA ASN A 419 -12.92 -7.79 21.91
C ASN A 419 -12.81 -7.63 20.39
N THR A 420 -13.50 -8.50 19.66
CA THR A 420 -13.59 -8.41 18.21
C THR A 420 -14.56 -7.30 17.83
N ALA A 421 -14.49 -6.85 16.58
CA ALA A 421 -15.36 -5.78 16.13
C ALA A 421 -15.70 -5.91 14.64
N THR A 422 -16.78 -5.24 14.24
CA THR A 422 -17.18 -5.19 12.85
C THR A 422 -17.22 -3.75 12.37
N CYS A 423 -17.38 -3.54 11.06
CA CYS A 423 -17.41 -2.20 10.50
C CYS A 423 -18.57 -1.38 11.08
N GLU A 424 -19.66 -2.07 11.42
CA GLU A 424 -20.82 -1.42 12.01
C GLU A 424 -20.49 -0.81 13.38
N ASP A 425 -19.62 -1.48 14.13
CA ASP A 425 -19.20 -1.00 15.44
C ASP A 425 -18.52 0.36 15.34
N PHE A 426 -17.74 0.55 14.28
CA PHE A 426 -17.02 1.81 14.10
C PHE A 426 -17.97 2.91 13.65
N ASN A 427 -18.86 2.59 12.71
CA ASN A 427 -19.84 3.55 12.23
C ASN A 427 -20.73 4.03 13.37
N TYR A 428 -21.08 3.10 14.26
CA TYR A 428 -21.87 3.42 15.43
C TYR A 428 -21.19 4.46 16.30
N ALA A 429 -19.91 4.23 16.59
CA ALA A 429 -19.12 5.17 17.40
C ALA A 429 -19.04 6.53 16.73
N MET A 430 -18.82 6.53 15.42
CA MET A 430 -18.80 7.76 14.64
C MET A 430 -20.16 8.44 14.66
N GLU A 431 -21.22 7.63 14.66
CA GLU A 431 -22.58 8.14 14.66
C GLU A 431 -22.88 8.87 15.96
N GLN A 432 -22.37 8.35 17.07
CA GLN A 432 -22.56 8.98 18.37
C GLN A 432 -21.98 10.37 18.38
N ALA A 433 -20.79 10.51 17.80
CA ALA A 433 -20.14 11.82 17.67
C ALA A 433 -20.91 12.72 16.72
N TYR A 434 -21.50 12.11 15.70
CA TYR A 434 -22.29 12.85 14.71
C TYR A 434 -23.53 13.44 15.37
N LYS A 435 -24.14 12.66 16.27
CA LYS A 435 -25.30 13.13 17.03
C LYS A 435 -24.92 14.33 17.89
N MET A 436 -23.79 14.24 18.56
CA MET A 436 -23.32 15.30 19.45
C MET A 436 -22.96 16.56 18.66
N LYS A 437 -22.41 16.38 17.46
CA LYS A 437 -22.02 17.50 16.63
C LYS A 437 -23.23 18.25 16.08
N LYS A 438 -24.23 17.50 15.62
CA LYS A 438 -25.42 18.10 15.04
C LYS A 438 -26.46 18.45 16.10
N ALA A 439 -26.20 18.04 17.34
CA ALA A 439 -27.03 18.37 18.50
C ALA A 439 -28.48 17.90 18.36
N ASP A 440 -28.66 16.65 17.94
CA ASP A 440 -29.95 15.98 18.01
C ASP A 440 -29.76 14.48 17.80
N ASN A 441 -30.34 13.68 18.70
CA ASN A 441 -30.17 12.23 18.66
C ASN A 441 -30.97 11.56 17.53
N SER A 442 -31.55 12.36 16.66
CA SER A 442 -32.28 11.86 15.51
C SER A 442 -31.34 11.63 14.33
N ALA A 443 -30.24 12.37 14.30
CA ALA A 443 -29.25 12.27 13.24
C ALA A 443 -28.59 10.90 13.24
N ASN A 444 -28.25 10.40 12.06
CA ASN A 444 -27.66 9.07 11.94
C ASN A 444 -26.74 8.96 10.73
N LEU A 445 -25.99 7.87 10.67
CA LEU A 445 -25.07 7.62 9.58
C LEU A 445 -25.34 6.29 8.88
N ASN A 446 -26.63 5.93 8.80
CA ASN A 446 -27.03 4.69 8.15
CA ASN A 446 -27.03 4.69 8.15
C ASN A 446 -26.63 4.65 6.69
N GLN A 447 -26.75 5.80 6.02
CA GLN A 447 -26.39 5.89 4.61
C GLN A 447 -24.89 5.73 4.40
N TYR A 448 -24.11 6.14 5.40
CA TYR A 448 -22.66 6.09 5.28
C TYR A 448 -22.16 4.66 5.11
N LEU A 449 -22.92 3.70 5.64
CA LEU A 449 -22.57 2.28 5.55
C LEU A 449 -22.43 1.81 4.11
N LEU A 450 -23.06 2.53 3.18
CA LEU A 450 -22.97 2.19 1.76
C LEU A 450 -21.53 2.28 1.24
N TRP A 451 -20.70 3.08 1.91
CA TRP A 451 -19.29 3.17 1.57
C TRP A 451 -18.58 1.83 1.76
N PHE A 452 -19.13 0.99 2.64
CA PHE A 452 -18.55 -0.31 2.91
C PHE A 452 -19.05 -1.39 1.95
N SER A 453 -20.27 -1.22 1.45
CA SER A 453 -20.91 -2.27 0.65
C SER A 453 -20.93 -1.99 -0.84
N GLN A 454 -20.88 -0.72 -1.23
CA GLN A 454 -20.98 -0.37 -2.65
C GLN A 454 -19.60 -0.24 -3.30
N SER A 455 -19.41 -0.96 -4.40
CA SER A 455 -18.17 -0.89 -5.16
C SER A 455 -18.25 0.18 -6.24
N GLY A 456 -17.12 0.47 -6.87
CA GLY A 456 -17.06 1.45 -7.93
C GLY A 456 -16.75 2.85 -7.45
N THR A 457 -16.19 3.66 -8.33
CA THR A 457 -15.85 5.04 -8.00
C THR A 457 -17.00 5.99 -8.38
N PRO A 458 -17.49 6.76 -7.41
CA PRO A 458 -18.55 7.74 -7.71
C PRO A 458 -18.03 8.88 -8.58
N HIS A 459 -18.90 9.38 -9.46
CA HIS A 459 -18.60 10.57 -10.25
C HIS A 459 -19.37 11.74 -9.66
N VAL A 460 -18.68 12.85 -9.40
CA VAL A 460 -19.33 14.06 -8.90
C VAL A 460 -19.12 15.21 -9.88
N SER A 461 -20.23 15.72 -10.43
CA SER A 461 -20.16 16.80 -11.40
C SER A 461 -20.87 18.06 -10.89
N PHE A 462 -20.54 19.20 -11.50
CA PHE A 462 -20.99 20.48 -10.99
C PHE A 462 -21.57 21.41 -12.05
N LYS A 463 -22.50 22.25 -11.63
CA LYS A 463 -22.95 23.39 -12.43
C LYS A 463 -23.11 24.60 -11.51
N TYR A 464 -22.84 25.80 -12.02
CA TYR A 464 -22.82 26.98 -11.16
C TYR A 464 -23.78 28.07 -11.67
N ASN A 465 -24.39 28.83 -10.77
CA ASN A 465 -25.09 30.03 -11.24
C ASN A 465 -24.54 31.19 -10.35
N TYR A 466 -24.42 32.42 -10.86
CA TYR A 466 -24.19 33.55 -9.96
C TYR A 466 -25.13 34.69 -10.37
N ASP A 467 -25.88 35.22 -9.40
CA ASP A 467 -26.71 36.40 -9.64
C ASP A 467 -26.03 37.65 -9.10
N ALA A 468 -25.48 38.45 -10.00
CA ALA A 468 -24.67 39.60 -9.64
C ALA A 468 -25.45 40.64 -8.84
N GLU A 469 -26.72 40.84 -9.21
CA GLU A 469 -27.58 41.77 -8.50
C GLU A 469 -27.95 41.24 -7.11
N LYS A 470 -28.22 39.94 -7.03
CA LYS A 470 -28.63 39.31 -5.79
C LYS A 470 -27.44 39.01 -4.86
N LYS A 471 -26.23 39.02 -5.42
CA LYS A 471 -25.04 38.56 -4.71
C LYS A 471 -25.24 37.13 -4.23
N GLN A 472 -25.89 36.33 -5.08
CA GLN A 472 -26.28 34.97 -4.71
C GLN A 472 -25.61 33.95 -5.62
N TYR A 473 -24.91 32.99 -5.01
CA TYR A 473 -24.15 32.00 -5.75
C TYR A 473 -24.69 30.59 -5.50
N SER A 474 -24.76 29.80 -6.56
CA SER A 474 -25.32 28.45 -6.46
C SER A 474 -24.37 27.38 -7.00
N ILE A 475 -24.20 26.32 -6.23
CA ILE A 475 -23.46 25.16 -6.69
C ILE A 475 -24.39 23.96 -6.80
N HIS A 476 -24.69 23.56 -8.03
CA HIS A 476 -25.53 22.39 -8.27
CA HIS A 476 -25.53 22.38 -8.25
C HIS A 476 -24.65 21.15 -8.41
N VAL A 477 -24.86 20.18 -7.52
CA VAL A 477 -24.00 19.00 -7.49
C VAL A 477 -24.79 17.75 -7.89
N ASN A 478 -24.13 16.86 -8.63
CA ASN A 478 -24.72 15.59 -9.00
C ASN A 478 -23.72 14.46 -8.75
N GLN A 479 -24.21 13.33 -8.26
CA GLN A 479 -23.36 12.16 -8.06
C GLN A 479 -23.92 10.94 -8.79
N TYR A 480 -23.03 10.07 -9.27
CA TYR A 480 -23.43 8.86 -9.98
CA TYR A 480 -23.46 8.82 -9.88
C TYR A 480 -22.33 7.80 -9.91
N THR A 481 -22.71 6.54 -9.70
CA THR A 481 -21.77 5.44 -9.74
C THR A 481 -22.21 4.49 -10.84
N LYS A 482 -21.29 4.16 -11.74
CA LYS A 482 -21.58 3.26 -12.84
C LYS A 482 -21.92 1.87 -12.30
N PRO A 483 -23.02 1.27 -12.78
CA PRO A 483 -23.40 -0.09 -12.39
C PRO A 483 -22.30 -1.08 -12.73
N ASP A 484 -22.10 -2.08 -11.87
CA ASP A 484 -21.13 -3.13 -12.14
C ASP A 484 -21.68 -4.49 -11.74
N GLU A 485 -20.78 -5.47 -11.54
CA GLU A 485 -21.19 -6.83 -11.22
C GLU A 485 -21.63 -6.98 -9.77
N ASN A 486 -21.35 -5.96 -8.96
CA ASN A 486 -21.68 -6.01 -7.54
C ASN A 486 -23.04 -5.40 -7.23
N GLN A 487 -23.34 -4.28 -7.88
CA GLN A 487 -24.65 -3.66 -7.78
C GLN A 487 -25.17 -3.23 -9.14
N LYS A 488 -26.28 -3.82 -9.57
CA LYS A 488 -26.95 -3.39 -10.79
C LYS A 488 -27.48 -1.98 -10.60
N GLU A 489 -27.96 -1.72 -9.40
CA GLU A 489 -28.50 -0.40 -9.05
C GLU A 489 -27.63 0.23 -7.96
N LYS A 490 -27.01 1.36 -8.29
CA LYS A 490 -26.17 2.06 -7.33
C LYS A 490 -26.96 3.13 -6.58
N LYS A 491 -26.71 3.23 -5.28
CA LYS A 491 -27.40 4.20 -4.42
C LYS A 491 -26.55 5.44 -4.18
N PRO A 492 -27.20 6.58 -3.90
CA PRO A 492 -26.46 7.81 -3.56
C PRO A 492 -25.71 7.66 -2.25
N LEU A 493 -24.47 8.14 -2.21
CA LEU A 493 -23.64 8.02 -1.02
C LEU A 493 -23.62 9.31 -0.20
N PHE A 494 -23.16 9.19 1.05
CA PHE A 494 -22.89 10.36 1.88
C PHE A 494 -21.54 10.94 1.47
N ILE A 495 -21.57 12.00 0.67
CA ILE A 495 -20.33 12.58 0.15
C ILE A 495 -20.05 13.96 0.74
N PRO A 496 -19.00 14.06 1.58
CA PRO A 496 -18.57 15.34 2.14
C PRO A 496 -17.71 16.12 1.15
N ILE A 497 -18.13 17.34 0.83
CA ILE A 497 -17.41 18.15 -0.15
C ILE A 497 -16.84 19.40 0.50
N SER A 498 -15.55 19.34 0.85
CA SER A 498 -14.87 20.49 1.41
CA SER A 498 -14.87 20.49 1.41
C SER A 498 -14.69 21.55 0.32
N VAL A 499 -15.26 22.73 0.54
CA VAL A 499 -15.24 23.76 -0.48
C VAL A 499 -14.77 25.13 0.01
N GLY A 500 -14.20 25.88 -0.91
CA GLY A 500 -13.89 27.29 -0.69
C GLY A 500 -14.37 28.08 -1.89
N LEU A 501 -14.56 29.38 -1.71
CA LEU A 501 -14.91 30.27 -2.81
C LEU A 501 -13.83 31.32 -2.97
N ILE A 502 -13.15 31.29 -4.11
CA ILE A 502 -12.04 32.20 -4.37
C ILE A 502 -12.46 33.42 -5.17
N ASN A 503 -12.20 34.60 -4.64
CA ASN A 503 -12.37 35.85 -5.38
C ASN A 503 -11.29 35.93 -6.45
N PRO A 504 -11.68 35.84 -7.72
CA PRO A 504 -10.70 35.81 -8.82
C PRO A 504 -9.93 37.12 -8.97
N GLU A 505 -10.41 38.19 -8.35
CA GLU A 505 -9.80 39.50 -8.51
C GLU A 505 -8.63 39.73 -7.54
N ASN A 506 -8.66 39.10 -6.38
CA ASN A 506 -7.58 39.26 -5.41
C ASN A 506 -7.09 37.94 -4.79
N GLY A 507 -7.75 36.84 -5.16
CA GLY A 507 -7.34 35.52 -4.70
C GLY A 507 -7.69 35.21 -3.25
N LYS A 508 -8.55 36.03 -2.66
CA LYS A 508 -8.93 35.87 -1.26
C LYS A 508 -10.06 34.87 -1.07
N GLU A 509 -10.09 34.24 0.11
CA GLU A 509 -11.21 33.40 0.51
C GLU A 509 -12.45 34.27 0.69
N MET A 510 -13.58 33.81 0.16
CA MET A 510 -14.81 34.58 0.25
C MET A 510 -15.74 34.05 1.34
N ILE A 511 -15.60 32.78 1.68
CA ILE A 511 -16.38 32.18 2.76
C ILE A 511 -15.49 31.43 3.73
N SER A 512 -16.02 31.15 4.92
CA SER A 512 -15.30 30.36 5.91
C SER A 512 -15.22 28.91 5.46
N GLN A 513 -14.46 28.11 6.19
CA GLN A 513 -14.34 26.68 5.90
C GLN A 513 -15.71 26.02 5.89
N THR A 514 -16.03 25.37 4.79
CA THR A 514 -17.35 24.76 4.63
C THR A 514 -17.26 23.36 4.04
N THR A 515 -17.94 22.41 4.67
CA THR A 515 -18.04 21.06 4.14
C THR A 515 -19.48 20.75 3.76
N LEU A 516 -19.74 20.72 2.45
CA LEU A 516 -21.07 20.40 1.95
C LEU A 516 -21.35 18.92 2.14
N GLU A 517 -22.54 18.61 2.67
CA GLU A 517 -22.91 17.22 2.87
C GLU A 517 -23.91 16.79 1.81
N LEU A 518 -23.40 16.14 0.77
CA LEU A 518 -24.23 15.63 -0.31
C LEU A 518 -24.75 14.25 0.05
N THR A 519 -26.06 14.13 0.24
CA THR A 519 -26.66 12.87 0.66
C THR A 519 -27.65 12.35 -0.37
N LYS A 520 -27.98 13.18 -1.36
CA LYS A 520 -28.91 12.78 -2.40
C LYS A 520 -28.19 12.59 -3.74
N GLU A 521 -28.93 12.13 -4.74
CA GLU A 521 -28.41 11.97 -6.09
C GLU A 521 -27.95 13.32 -6.63
N SER A 522 -28.66 14.38 -6.23
CA SER A 522 -28.27 15.73 -6.61
C SER A 522 -28.81 16.74 -5.59
N ASP A 523 -28.13 17.87 -5.47
CA ASP A 523 -28.57 18.93 -4.57
C ASP A 523 -28.06 20.28 -5.06
N THR A 524 -28.73 21.34 -4.62
CA THR A 524 -28.30 22.69 -4.96
C THR A 524 -27.89 23.43 -3.69
N PHE A 525 -26.63 23.86 -3.63
CA PHE A 525 -26.14 24.61 -2.48
C PHE A 525 -26.05 26.09 -2.81
N VAL A 526 -26.78 26.91 -2.06
CA VAL A 526 -26.88 28.33 -2.34
C VAL A 526 -26.13 29.16 -1.30
N PHE A 527 -25.40 30.17 -1.77
CA PHE A 527 -24.66 31.05 -0.89
C PHE A 527 -25.09 32.50 -1.10
N ASN A 528 -25.49 33.16 -0.02
CA ASN A 528 -25.87 34.57 -0.08
C ASN A 528 -24.71 35.47 0.27
N ASN A 529 -24.86 36.76 -0.04
CA ASN A 529 -23.85 37.76 0.24
C ASN A 529 -22.49 37.40 -0.35
N ILE A 530 -22.51 36.94 -1.59
CA ILE A 530 -21.30 36.70 -2.36
C ILE A 530 -21.07 37.89 -3.30
N ALA A 531 -20.10 38.72 -2.94
CA ALA A 531 -19.94 40.04 -3.55
C ALA A 531 -19.62 40.00 -5.05
N VAL A 532 -18.89 38.98 -5.47
CA VAL A 532 -18.47 38.87 -6.86
C VAL A 532 -18.56 37.41 -7.29
N LYS A 533 -18.61 37.16 -8.59
CA LYS A 533 -18.63 35.79 -9.09
C LYS A 533 -17.36 35.05 -8.69
N PRO A 534 -17.51 34.03 -7.85
CA PRO A 534 -16.34 33.31 -7.34
C PRO A 534 -15.87 32.22 -8.29
N ILE A 535 -14.66 31.73 -8.03
CA ILE A 535 -14.21 30.49 -8.65
C ILE A 535 -14.19 29.44 -7.54
N PRO A 536 -14.98 28.38 -7.72
CA PRO A 536 -15.14 27.37 -6.66
C PRO A 536 -13.90 26.51 -6.46
N SER A 537 -13.52 26.32 -5.21
CA SER A 537 -12.44 25.42 -4.83
C SER A 537 -13.07 24.16 -4.24
N LEU A 538 -13.12 23.10 -5.04
CA LEU A 538 -13.95 21.94 -4.70
C LEU A 538 -13.14 20.71 -4.28
N PHE A 539 -13.66 20.00 -3.29
CA PHE A 539 -13.03 18.81 -2.72
C PHE A 539 -11.62 19.12 -2.22
N ARG A 540 -11.51 20.17 -1.41
CA ARG A 540 -10.23 20.54 -0.81
C ARG A 540 -9.67 19.38 0.02
N GLY A 541 -8.39 19.10 -0.16
CA GLY A 541 -7.74 18.00 0.50
C GLY A 541 -8.18 16.65 -0.06
N PHE A 542 -8.88 16.70 -1.19
CA PHE A 542 -9.51 15.52 -1.80
C PHE A 542 -10.43 14.86 -0.76
N SER A 543 -11.54 15.54 -0.46
CA SER A 543 -12.37 15.19 0.69
C SER A 543 -13.25 13.95 0.47
N ALA A 544 -13.23 13.40 -0.74
CA ALA A 544 -13.97 12.18 -1.03
C ALA A 544 -13.32 11.43 -2.19
N PRO A 545 -13.31 10.08 -2.11
CA PRO A 545 -12.69 9.25 -3.15
C PRO A 545 -13.59 9.14 -4.38
N VAL A 546 -13.62 10.20 -5.17
CA VAL A 546 -14.52 10.27 -6.32
C VAL A 546 -13.83 10.80 -7.57
N TYR A 547 -14.46 10.60 -8.72
CA TYR A 547 -14.08 11.31 -9.94
C TYR A 547 -14.64 12.73 -9.87
N ILE A 548 -13.76 13.71 -9.85
CA ILE A 548 -14.19 15.10 -9.79
C ILE A 548 -14.30 15.70 -11.18
N GLU A 549 -15.51 16.12 -11.53
CA GLU A 549 -15.75 16.80 -12.79
C GLU A 549 -16.17 18.25 -12.52
N ASP A 550 -15.17 19.14 -12.45
CA ASP A 550 -15.40 20.49 -11.94
C ASP A 550 -16.08 21.42 -12.96
N GLN A 551 -16.03 21.03 -14.23
CA GLN A 551 -16.63 21.81 -15.31
C GLN A 551 -16.13 23.25 -15.32
N LEU A 552 -14.87 23.43 -14.96
CA LEU A 552 -14.26 24.75 -14.97
C LEU A 552 -13.50 24.98 -16.27
N THR A 553 -13.43 26.23 -16.70
CA THR A 553 -12.60 26.57 -17.86
C THR A 553 -11.14 26.46 -17.46
N ASP A 554 -10.26 26.37 -18.46
CA ASP A 554 -8.83 26.31 -18.17
C ASP A 554 -8.36 27.61 -17.55
N GLU A 555 -9.03 28.71 -17.89
CA GLU A 555 -8.72 30.01 -17.31
C GLU A 555 -9.01 30.02 -15.81
N GLU A 556 -10.16 29.46 -15.43
CA GLU A 556 -10.53 29.35 -14.03
C GLU A 556 -9.56 28.43 -13.29
N ARG A 557 -9.17 27.33 -13.93
CA ARG A 557 -8.26 26.37 -13.33
C ARG A 557 -6.88 26.97 -13.13
N ILE A 558 -6.41 27.74 -14.11
CA ILE A 558 -5.12 28.42 -14.01
C ILE A 558 -5.12 29.38 -12.83
N LEU A 559 -6.25 30.06 -12.63
CA LEU A 559 -6.39 31.01 -11.54
C LEU A 559 -6.33 30.30 -10.19
N LEU A 560 -6.94 29.12 -10.11
CA LEU A 560 -6.88 28.32 -8.89
C LEU A 560 -5.45 27.82 -8.66
N LEU A 561 -4.84 27.32 -9.72
CA LEU A 561 -3.47 26.82 -9.68
C LEU A 561 -2.51 27.87 -9.11
N LYS A 562 -2.74 29.13 -9.46
CA LYS A 562 -1.87 30.20 -9.02
C LYS A 562 -2.22 30.75 -7.64
N TYR A 563 -3.51 30.81 -7.32
CA TYR A 563 -3.94 31.62 -6.17
C TYR A 563 -4.75 30.89 -5.09
N ASP A 564 -5.20 29.66 -5.35
CA ASP A 564 -5.99 28.95 -4.37
C ASP A 564 -5.13 28.57 -3.16
N SER A 565 -5.78 28.36 -2.02
CA SER A 565 -5.08 28.07 -0.78
C SER A 565 -4.90 26.58 -0.52
N ASP A 566 -5.66 25.75 -1.22
CA ASP A 566 -5.59 24.31 -1.00
C ASP A 566 -4.67 23.61 -1.99
N ALA A 567 -3.71 22.87 -1.47
CA ALA A 567 -2.69 22.21 -2.28
C ALA A 567 -3.29 21.21 -3.28
N PHE A 568 -4.25 20.41 -2.83
CA PHE A 568 -4.84 19.43 -3.74
C PHE A 568 -5.58 20.07 -4.90
N VAL A 569 -6.40 21.08 -4.60
CA VAL A 569 -7.22 21.71 -5.64
C VAL A 569 -6.34 22.36 -6.70
N ARG A 570 -5.23 22.95 -6.26
CA ARG A 570 -4.26 23.52 -7.19
C ARG A 570 -3.70 22.42 -8.07
N TYR A 571 -3.21 21.36 -7.43
CA TYR A 571 -2.69 20.17 -8.08
C TYR A 571 -3.73 19.52 -9.00
N ASN A 572 -4.97 19.48 -8.55
CA ASN A 572 -6.05 18.88 -9.36
C ASN A 572 -6.40 19.74 -10.56
N SER A 573 -6.34 21.07 -10.37
CA SER A 573 -6.61 21.99 -11.45
C SER A 573 -5.57 21.83 -12.57
N CYS A 574 -4.31 21.74 -12.17
CA CYS A 574 -3.23 21.46 -13.10
C CYS A 574 -3.45 20.12 -13.79
N THR A 575 -3.84 19.13 -13.00
CA THR A 575 -4.14 17.80 -13.52
C THR A 575 -5.25 17.86 -14.57
N ASN A 576 -6.32 18.59 -14.25
CA ASN A 576 -7.46 18.71 -15.15
C ASN A 576 -7.12 19.43 -16.46
N ILE A 577 -6.26 20.43 -16.38
CA ILE A 577 -5.79 21.13 -17.56
C ILE A 577 -5.00 20.16 -18.45
N TYR A 578 -4.12 19.39 -17.82
CA TYR A 578 -3.34 18.37 -18.51
C TYR A 578 -4.24 17.35 -19.21
N MET A 579 -5.23 16.83 -18.48
CA MET A 579 -6.12 15.80 -19.01
C MET A 579 -6.91 16.28 -20.23
N LYS A 580 -7.39 17.52 -20.18
CA LYS A 580 -8.12 18.08 -21.32
C LYS A 580 -7.20 18.13 -22.55
N GLN A 581 -5.98 18.60 -22.33
CA GLN A 581 -4.98 18.66 -23.40
C GLN A 581 -4.65 17.26 -23.92
N ILE A 582 -4.45 16.32 -23.00
CA ILE A 582 -4.09 14.95 -23.34
C ILE A 582 -5.19 14.29 -24.18
N LEU A 583 -6.44 14.45 -23.76
CA LEU A 583 -7.56 13.86 -24.48
C LEU A 583 -7.70 14.45 -25.88
N MET A 584 -7.45 15.75 -26.00
CA MET A 584 -7.55 16.43 -27.28
CA MET A 584 -7.55 16.43 -27.28
C MET A 584 -6.46 15.98 -28.24
N ASN A 585 -5.22 16.04 -27.78
CA ASN A 585 -4.09 15.59 -28.59
C ASN A 585 -4.20 14.11 -28.89
N TYR A 586 -4.78 13.34 -27.96
CA TYR A 586 -4.92 11.92 -28.18
C TYR A 586 -5.78 11.60 -29.40
N ASN A 587 -7.01 12.12 -29.53
CA ASN A 587 -7.66 11.59 -30.71
CA ASN A 587 -7.92 11.92 -30.64
C ASN A 587 -7.39 12.49 -31.94
N GLU A 588 -6.50 13.47 -31.80
CA GLU A 588 -5.91 14.11 -32.97
C GLU A 588 -4.89 13.15 -33.57
N PHE A 589 -4.03 12.60 -32.72
CA PHE A 589 -3.08 11.57 -33.14
C PHE A 589 -3.79 10.30 -33.60
N LEU A 590 -4.84 9.91 -32.88
CA LEU A 590 -5.60 8.71 -33.19
C LEU A 590 -6.27 8.80 -34.55
N LYS A 591 -6.86 9.96 -34.84
CA LYS A 591 -7.52 10.20 -36.11
C LYS A 591 -6.52 10.14 -37.26
N ALA A 592 -5.35 10.72 -37.05
CA ALA A 592 -4.29 10.73 -38.05
C ALA A 592 -3.83 9.31 -38.37
N LYS A 593 -3.77 8.47 -37.33
CA LYS A 593 -3.37 7.08 -37.48
C LYS A 593 -4.45 6.27 -38.18
N ASN A 594 -5.69 6.40 -37.72
CA ASN A 594 -6.82 5.69 -38.32
C ASN A 594 -7.04 6.06 -39.77
N GLU A 595 -6.99 7.35 -40.08
CA GLU A 595 -7.27 7.84 -41.42
C GLU A 595 -6.02 7.87 -42.29
N LYS A 596 -4.87 7.49 -41.71
CA LYS A 596 -3.60 7.45 -42.41
C LYS A 596 -3.27 8.78 -43.10
N LEU A 597 -3.43 9.87 -42.35
CA LEU A 597 -3.25 11.20 -42.91
C LEU A 597 -1.79 11.51 -43.23
N GLU A 598 -1.57 12.16 -44.37
CA GLU A 598 -0.24 12.59 -44.77
C GLU A 598 0.18 13.83 -44.01
N SER A 599 -0.82 14.57 -43.54
CA SER A 599 -0.59 15.78 -42.76
C SER A 599 -1.80 16.09 -41.91
N PHE A 600 -1.59 16.73 -40.77
CA PHE A 600 -2.66 17.05 -39.84
C PHE A 600 -2.20 18.08 -38.83
N GLN A 601 -3.12 18.56 -38.00
CA GLN A 601 -2.78 19.56 -37.00
C GLN A 601 -2.95 19.04 -35.59
N LEU A 602 -2.11 19.55 -34.69
CA LEU A 602 -2.24 19.28 -33.26
C LEU A 602 -2.56 20.57 -32.54
N THR A 603 -3.48 20.50 -31.58
CA THR A 603 -3.78 21.66 -30.75
C THR A 603 -2.64 21.90 -29.77
N PRO A 604 -2.03 23.09 -29.82
CA PRO A 604 -0.92 23.41 -28.91
C PRO A 604 -1.35 23.46 -27.44
N VAL A 605 -0.38 23.29 -26.56
CA VAL A 605 -0.62 23.44 -25.13
C VAL A 605 -0.96 24.90 -24.83
N ASN A 606 -1.96 25.10 -23.98
CA ASN A 606 -2.38 26.44 -23.56
C ASN A 606 -1.20 27.29 -23.11
N ALA A 607 -0.99 28.41 -23.79
CA ALA A 607 0.16 29.27 -23.53
C ALA A 607 0.10 29.90 -22.14
N GLN A 608 -1.11 30.24 -21.69
CA GLN A 608 -1.28 30.85 -20.37
C GLN A 608 -1.02 29.82 -19.29
N PHE A 609 -1.29 28.55 -19.61
CA PHE A 609 -1.01 27.45 -18.69
C PHE A 609 0.50 27.32 -18.49
N ILE A 610 1.24 27.36 -19.59
CA ILE A 610 2.70 27.31 -19.55
C ILE A 610 3.26 28.49 -18.76
N ASP A 611 2.65 29.65 -18.94
CA ASP A 611 3.05 30.85 -18.20
C ASP A 611 2.84 30.69 -16.70
N ALA A 612 1.74 30.04 -16.33
CA ALA A 612 1.43 29.81 -14.92
C ALA A 612 2.44 28.88 -14.28
N ILE A 613 2.86 27.86 -15.04
CA ILE A 613 3.88 26.93 -14.58
C ILE A 613 5.19 27.65 -14.33
N LYS A 614 5.58 28.52 -15.26
CA LYS A 614 6.79 29.32 -15.12
C LYS A 614 6.71 30.22 -13.89
N TYR A 615 5.55 30.83 -13.70
CA TYR A 615 5.28 31.68 -12.54
C TYR A 615 5.54 30.94 -11.22
N LEU A 616 5.00 29.74 -11.11
CA LEU A 616 5.12 28.96 -9.89
C LEU A 616 6.55 28.44 -9.68
N LEU A 617 7.16 27.99 -10.76
CA LEU A 617 8.54 27.49 -10.71
C LEU A 617 9.51 28.59 -10.25
N GLU A 618 9.24 29.81 -10.67
CA GLU A 618 10.14 30.93 -10.38
C GLU A 618 9.82 31.59 -9.04
N ASP A 619 8.77 31.13 -8.37
CA ASP A 619 8.42 31.64 -7.05
C ASP A 619 9.27 30.96 -5.98
N PRO A 620 10.15 31.73 -5.34
CA PRO A 620 11.07 31.20 -4.32
C PRO A 620 10.35 30.69 -3.09
N HIS A 621 9.13 31.16 -2.86
CA HIS A 621 8.36 30.76 -1.69
C HIS A 621 7.55 29.51 -1.97
N ALA A 622 7.43 29.14 -3.25
CA ALA A 622 6.65 27.98 -3.65
C ALA A 622 7.34 26.68 -3.25
N ASP A 623 6.54 25.66 -2.97
CA ASP A 623 7.05 24.39 -2.47
C ASP A 623 7.69 23.56 -3.58
N ALA A 624 8.91 23.07 -3.31
CA ALA A 624 9.69 22.32 -4.28
C ALA A 624 8.99 21.02 -4.68
N GLY A 625 8.38 20.34 -3.72
CA GLY A 625 7.67 19.11 -4.00
C GLY A 625 6.49 19.35 -4.91
N PHE A 626 5.72 20.40 -4.61
CA PHE A 626 4.58 20.79 -5.43
C PHE A 626 5.04 21.11 -6.85
N LYS A 627 6.20 21.74 -6.96
CA LYS A 627 6.76 22.10 -8.26
C LYS A 627 7.01 20.88 -9.14
N SER A 628 7.50 19.80 -8.53
CA SER A 628 7.79 18.59 -9.28
C SER A 628 6.53 17.97 -9.86
N TYR A 629 5.41 18.16 -9.17
CA TYR A 629 4.13 17.63 -9.63
C TYR A 629 3.61 18.36 -10.86
N ILE A 630 3.73 19.68 -10.87
CA ILE A 630 3.11 20.48 -11.93
C ILE A 630 3.84 20.34 -13.27
N VAL A 631 5.11 19.95 -13.23
CA VAL A 631 5.87 19.76 -14.47
C VAL A 631 5.77 18.32 -14.95
N SER A 632 5.04 17.51 -14.20
CA SER A 632 4.84 16.11 -14.56
C SER A 632 3.42 15.85 -15.04
N LEU A 633 3.29 15.18 -16.18
CA LEU A 633 1.98 14.79 -16.68
C LEU A 633 1.37 13.74 -15.76
N PRO A 634 0.03 13.66 -15.72
CA PRO A 634 -0.66 12.64 -14.93
C PRO A 634 -0.16 11.23 -15.22
N GLN A 635 -0.20 10.36 -14.22
CA GLN A 635 0.19 8.96 -14.37
C GLN A 635 -0.57 8.30 -15.51
N ASP A 636 0.10 7.39 -16.22
CA ASP A 636 -0.54 6.65 -17.31
C ASP A 636 -1.77 5.90 -16.81
N ARG A 637 -1.68 5.33 -15.61
CA ARG A 637 -2.79 4.56 -15.05
C ARG A 637 -3.93 5.45 -14.55
N TYR A 638 -3.70 6.76 -14.51
CA TYR A 638 -4.77 7.70 -14.22
C TYR A 638 -5.46 8.12 -15.51
N ILE A 639 -4.65 8.34 -16.55
CA ILE A 639 -5.15 8.73 -17.87
C ILE A 639 -6.05 7.66 -18.48
N ILE A 640 -5.66 6.39 -18.29
CA ILE A 640 -6.37 5.26 -18.88
CA ILE A 640 -6.37 5.28 -18.90
C ILE A 640 -7.82 5.20 -18.41
N ASN A 641 -8.09 5.73 -17.22
CA ASN A 641 -9.45 5.75 -16.69
C ASN A 641 -10.40 6.58 -17.56
N PHE A 642 -9.86 7.42 -18.42
CA PHE A 642 -10.67 8.37 -19.18
C PHE A 642 -10.70 8.08 -20.68
N VAL A 643 -10.05 7.00 -21.10
CA VAL A 643 -9.99 6.66 -22.52
C VAL A 643 -10.46 5.24 -22.80
N SER A 644 -11.40 5.10 -23.72
CA SER A 644 -11.88 3.79 -24.16
C SER A 644 -10.96 3.24 -25.25
N ASN A 645 -10.66 1.94 -25.18
CA ASN A 645 -9.80 1.28 -26.15
C ASN A 645 -8.48 2.02 -26.35
N LEU A 646 -7.77 2.27 -25.26
CA LEU A 646 -6.57 3.10 -25.31
C LEU A 646 -5.46 2.48 -26.16
N ASP A 647 -5.04 3.21 -27.18
CA ASP A 647 -3.87 2.87 -27.97
C ASP A 647 -2.65 3.43 -27.24
N THR A 648 -1.82 2.55 -26.68
CA THR A 648 -0.68 2.98 -25.87
C THR A 648 0.38 3.70 -26.68
N ASP A 649 0.47 3.38 -27.97
CA ASP A 649 1.39 4.08 -28.87
C ASP A 649 0.96 5.53 -29.06
N VAL A 650 -0.33 5.72 -29.28
CA VAL A 650 -0.89 7.05 -29.49
C VAL A 650 -0.75 7.89 -28.23
N LEU A 651 -0.97 7.27 -27.06
CA LEU A 651 -0.81 7.97 -25.79
C LEU A 651 0.65 8.38 -25.61
N ALA A 652 1.57 7.50 -25.99
CA ALA A 652 3.00 7.78 -25.89
C ALA A 652 3.37 8.98 -26.76
N ASP A 653 2.81 9.02 -27.98
CA ASP A 653 3.05 10.14 -28.88
C ASP A 653 2.43 11.42 -28.34
N THR A 654 1.28 11.30 -27.71
CA THR A 654 0.59 12.43 -27.11
C THR A 654 1.42 13.05 -25.99
N LYS A 655 1.89 12.21 -25.08
CA LYS A 655 2.73 12.66 -23.97
C LYS A 655 4.01 13.32 -24.47
N GLU A 656 4.61 12.70 -25.48
CA GLU A 656 5.84 13.20 -26.09
C GLU A 656 5.67 14.62 -26.64
N TYR A 657 4.56 14.83 -27.35
CA TYR A 657 4.26 16.13 -27.94
C TYR A 657 4.05 17.19 -26.87
N ILE A 658 3.27 16.85 -25.85
CA ILE A 658 2.94 17.79 -24.77
C ILE A 658 4.18 18.15 -23.95
N TYR A 659 5.00 17.15 -23.62
CA TYR A 659 6.25 17.40 -22.90
C TYR A 659 7.18 18.28 -23.74
N LYS A 660 7.20 18.06 -25.04
CA LYS A 660 8.06 18.81 -25.94
C LYS A 660 7.57 20.24 -26.09
N GLN A 661 6.25 20.40 -26.16
CA GLN A 661 5.63 21.72 -26.20
C GLN A 661 6.04 22.58 -25.02
N ILE A 662 5.92 22.02 -23.82
CA ILE A 662 6.24 22.74 -22.59
C ILE A 662 7.76 22.94 -22.46
N GLY A 663 8.52 21.93 -22.84
CA GLY A 663 9.97 22.00 -22.81
C GLY A 663 10.53 23.08 -23.70
N ASP A 664 9.98 23.21 -24.90
CA ASP A 664 10.45 24.22 -25.86
C ASP A 664 10.34 25.63 -25.32
N LYS A 665 9.48 25.82 -24.31
CA LYS A 665 9.28 27.14 -23.72
C LYS A 665 9.98 27.31 -22.37
N LEU A 666 10.16 26.21 -21.64
CA LEU A 666 10.60 26.31 -20.25
C LEU A 666 11.95 25.66 -19.93
N ASN A 667 12.61 25.09 -20.93
CA ASN A 667 13.88 24.39 -20.69
C ASN A 667 14.95 25.26 -20.05
N ASP A 668 15.02 26.53 -20.46
CA ASP A 668 15.96 27.47 -19.87
C ASP A 668 15.64 27.71 -18.40
N VAL A 669 14.35 27.81 -18.10
CA VAL A 669 13.90 27.93 -16.72
C VAL A 669 14.25 26.66 -15.95
N TYR A 670 14.03 25.50 -16.57
CA TYR A 670 14.37 24.21 -15.97
C TYR A 670 15.85 24.13 -15.61
N TYR A 671 16.71 24.50 -16.55
CA TYR A 671 18.14 24.42 -16.35
C TYR A 671 18.61 25.39 -15.26
N LYS A 672 18.07 26.61 -15.31
CA LYS A 672 18.39 27.64 -14.32
C LYS A 672 18.09 27.15 -12.91
N MET A 673 16.92 26.54 -12.75
CA MET A 673 16.50 26.03 -11.45
C MET A 673 17.32 24.84 -11.01
N PHE A 674 17.63 23.96 -11.95
CA PHE A 674 18.42 22.77 -11.64
C PHE A 674 19.77 23.14 -11.04
N LYS A 675 20.34 24.24 -11.51
CA LYS A 675 21.64 24.70 -11.04
C LYS A 675 21.51 25.45 -9.71
N SER A 676 20.45 26.24 -9.57
CA SER A 676 20.28 27.09 -8.40
C SER A 676 19.80 26.29 -7.18
N LEU A 677 19.24 25.11 -7.43
CA LEU A 677 18.73 24.26 -6.36
C LEU A 677 19.82 23.38 -5.74
N GLU A 678 20.93 23.24 -6.46
CA GLU A 678 21.98 22.29 -6.09
C GLU A 678 22.51 22.44 -4.67
N ALA A 679 22.77 23.68 -4.27
CA ALA A 679 23.38 23.95 -2.97
C ALA A 679 22.56 23.40 -1.80
N LYS A 680 21.29 23.78 -1.74
CA LYS A 680 20.42 23.36 -0.64
C LYS A 680 19.98 21.89 -0.79
N ALA A 681 19.75 21.46 -2.02
CA ALA A 681 19.26 20.11 -2.26
C ALA A 681 20.30 19.04 -1.93
N ASP A 682 21.56 19.31 -2.25
CA ASP A 682 22.62 18.32 -2.05
C ASP A 682 23.49 18.65 -0.85
N ASP A 683 22.97 19.46 0.06
CA ASP A 683 23.69 19.83 1.28
C ASP A 683 24.11 18.60 2.08
N LEU A 684 25.41 18.50 2.37
CA LEU A 684 25.99 17.31 2.99
C LEU A 684 26.19 17.47 4.49
N THR A 685 25.69 18.56 5.05
CA THR A 685 25.90 18.89 6.46
C THR A 685 25.51 17.75 7.40
N TYR A 686 24.41 17.07 7.11
CA TYR A 686 23.92 16.01 7.99
C TYR A 686 23.97 14.63 7.34
N PHE A 687 24.84 14.47 6.36
CA PHE A 687 24.93 13.22 5.61
C PHE A 687 25.29 12.03 6.50
N ASN A 688 26.05 12.28 7.57
CA ASN A 688 26.44 11.22 8.48
C ASN A 688 25.64 11.23 9.79
N ASP A 689 24.52 11.94 9.78
CA ASP A 689 23.59 11.90 10.90
C ASP A 689 22.33 11.16 10.45
N GLU A 690 22.21 9.90 10.84
CA GLU A 690 21.14 9.04 10.35
C GLU A 690 19.77 9.36 10.94
N SER A 691 19.72 10.19 11.98
CA SER A 691 18.47 10.53 12.62
CA SER A 691 18.47 10.54 12.61
C SER A 691 17.96 11.90 12.15
N HIS A 692 18.72 12.54 11.27
CA HIS A 692 18.33 13.84 10.74
C HIS A 692 17.77 13.69 9.33
N VAL A 693 16.45 13.79 9.20
CA VAL A 693 15.79 13.66 7.91
C VAL A 693 15.02 14.91 7.55
N ASP A 694 15.37 15.50 6.41
CA ASP A 694 14.77 16.74 5.94
C ASP A 694 13.92 16.46 4.71
N PHE A 695 12.61 16.42 4.90
CA PHE A 695 11.70 16.08 3.82
C PHE A 695 11.60 17.18 2.77
N ASP A 696 11.84 18.42 3.17
CA ASP A 696 11.84 19.52 2.21
CA ASP A 696 11.87 19.55 2.24
C ASP A 696 13.08 19.44 1.32
N GLN A 697 14.22 19.09 1.90
CA GLN A 697 15.45 18.95 1.15
C GLN A 697 15.34 17.80 0.14
N MET A 698 14.72 16.71 0.57
CA MET A 698 14.52 15.56 -0.32
C MET A 698 13.57 15.92 -1.47
N ASN A 699 12.59 16.78 -1.18
CA ASN A 699 11.69 17.27 -2.22
C ASN A 699 12.44 18.15 -3.23
N MET A 700 13.46 18.85 -2.76
CA MET A 700 14.30 19.66 -3.64
C MET A 700 15.08 18.77 -4.59
N ARG A 701 15.57 17.64 -4.09
CA ARG A 701 16.29 16.69 -4.92
C ARG A 701 15.33 16.05 -5.94
N THR A 702 14.10 15.78 -5.49
CA THR A 702 13.08 15.25 -6.39
C THR A 702 12.85 16.20 -7.57
N LEU A 703 12.76 17.49 -7.26
CA LEU A 703 12.58 18.51 -8.29
C LEU A 703 13.76 18.54 -9.26
N ARG A 704 14.98 18.51 -8.71
CA ARG A 704 16.19 18.53 -9.54
C ARG A 704 16.25 17.32 -10.47
N ASN A 705 15.96 16.15 -9.93
CA ASN A 705 16.01 14.92 -10.71
C ASN A 705 14.87 14.83 -11.71
N THR A 706 13.76 15.50 -11.41
CA THR A 706 12.65 15.60 -12.35
C THR A 706 13.01 16.55 -13.49
N LEU A 707 13.60 17.69 -13.14
CA LEU A 707 14.05 18.66 -14.13
C LEU A 707 15.17 18.10 -15.00
N LEU A 708 16.12 17.40 -14.37
CA LEU A 708 17.23 16.80 -15.11
C LEU A 708 16.72 15.79 -16.13
N SER A 709 15.71 15.02 -15.74
CA SER A 709 15.10 14.05 -16.63
C SER A 709 14.46 14.73 -17.84
N LEU A 710 13.75 15.83 -17.59
CA LEU A 710 13.12 16.60 -18.65
C LEU A 710 14.17 17.18 -19.61
N LEU A 711 15.25 17.69 -19.03
CA LEU A 711 16.31 18.31 -19.82
C LEU A 711 17.09 17.29 -20.64
N SER A 712 17.27 16.09 -20.08
CA SER A 712 18.01 15.04 -20.75
C SER A 712 17.25 14.49 -21.94
N LYS A 713 15.95 14.27 -21.77
CA LYS A 713 15.09 13.80 -22.85
C LYS A 713 15.06 14.81 -24.00
N ALA A 714 15.10 16.10 -23.64
CA ALA A 714 15.05 17.17 -24.61
C ALA A 714 16.40 17.40 -25.28
N GLN A 715 17.42 16.67 -24.84
CA GLN A 715 18.78 16.85 -25.33
C GLN A 715 19.24 18.30 -25.20
N TYR A 716 18.97 18.89 -24.03
CA TYR A 716 19.37 20.26 -23.74
C TYR A 716 20.89 20.39 -23.90
N PRO A 717 21.35 21.51 -24.49
CA PRO A 717 22.77 21.77 -24.79
C PRO A 717 23.72 21.42 -23.63
N ASN A 718 24.61 20.47 -23.88
CA ASN A 718 25.66 20.08 -22.94
C ASN A 718 25.13 19.57 -21.59
N ILE A 719 23.91 19.03 -21.59
CA ILE A 719 23.32 18.54 -20.35
C ILE A 719 24.03 17.28 -19.87
N LEU A 720 24.74 16.62 -20.78
CA LEU A 720 25.48 15.41 -20.44
C LEU A 720 26.57 15.72 -19.42
N ASN A 721 27.09 16.95 -19.47
CA ASN A 721 28.04 17.42 -18.48
C ASN A 721 27.45 17.36 -17.06
N GLU A 722 26.21 17.82 -16.94
CA GLU A 722 25.52 17.80 -15.67
C GLU A 722 25.28 16.37 -15.18
N ILE A 723 24.88 15.51 -16.11
CA ILE A 723 24.61 14.11 -15.81
C ILE A 723 25.85 13.41 -15.25
N ILE A 724 27.00 13.70 -15.85
CA ILE A 724 28.27 13.12 -15.40
C ILE A 724 28.62 13.59 -14.00
N GLU A 725 28.49 14.90 -13.75
CA GLU A 725 28.73 15.47 -12.43
C GLU A 725 27.75 14.91 -11.41
N HIS A 726 26.50 14.71 -11.84
CA HIS A 726 25.45 14.20 -10.97
C HIS A 726 25.78 12.79 -10.49
N SER A 727 26.46 12.02 -11.33
CA SER A 727 26.80 10.63 -11.00
C SER A 727 27.85 10.55 -9.89
N LYS A 728 28.48 11.67 -9.59
CA LYS A 728 29.52 11.72 -8.57
C LYS A 728 28.97 12.19 -7.23
N SER A 729 27.66 12.40 -7.17
CA SER A 729 27.01 12.82 -5.93
C SER A 729 26.97 11.68 -4.92
N PRO A 730 27.11 12.01 -3.63
CA PRO A 730 27.04 11.02 -2.55
C PRO A 730 25.64 10.42 -2.36
N TYR A 731 24.61 11.14 -2.82
CA TYR A 731 23.23 10.68 -2.64
C TYR A 731 22.80 9.71 -3.73
N PRO A 732 22.41 8.49 -3.33
CA PRO A 732 21.93 7.46 -4.25
C PRO A 732 20.78 7.93 -5.13
N SER A 733 19.88 8.75 -4.60
CA SER A 733 18.80 9.32 -5.41
C SER A 733 19.38 10.07 -6.60
N ASN A 734 20.51 10.73 -6.38
CA ASN A 734 21.16 11.49 -7.43
C ASN A 734 21.92 10.61 -8.43
N TRP A 735 22.80 9.74 -7.95
CA TRP A 735 23.64 8.98 -8.90
C TRP A 735 22.88 7.81 -9.54
N LEU A 736 21.74 7.45 -8.99
CA LEU A 736 20.88 6.49 -9.67
C LEU A 736 20.06 7.22 -10.74
N THR A 737 19.70 8.47 -10.44
CA THR A 737 19.03 9.32 -11.43
C THR A 737 19.94 9.52 -12.64
N SER A 738 21.23 9.71 -12.37
CA SER A 738 22.20 9.93 -13.44
C SER A 738 22.22 8.74 -14.40
N LEU A 739 22.01 7.55 -13.87
CA LEU A 739 21.95 6.34 -14.69
C LEU A 739 20.72 6.38 -15.61
N SER A 740 19.55 6.62 -15.04
CA SER A 740 18.31 6.58 -15.81
C SER A 740 18.24 7.70 -16.86
N VAL A 741 18.69 8.90 -16.52
CA VAL A 741 18.60 10.01 -17.46
C VAL A 741 19.68 9.93 -18.54
N SER A 742 20.73 9.12 -18.29
CA SER A 742 21.80 8.96 -19.27
C SER A 742 21.40 7.98 -20.37
N ALA A 743 20.20 7.41 -20.24
CA ALA A 743 19.68 6.47 -21.22
C ALA A 743 19.58 7.12 -22.61
N TYR A 744 19.45 8.45 -22.63
CA TYR A 744 19.33 9.18 -23.88
C TYR A 744 20.71 9.55 -24.45
N PHE A 745 21.77 8.97 -23.90
CA PHE A 745 23.12 9.26 -24.35
C PHE A 745 23.96 7.99 -24.52
N ASP A 746 25.13 8.14 -25.12
CA ASP A 746 26.00 6.99 -25.41
C ASP A 746 26.82 6.56 -24.21
N LYS A 747 26.72 7.31 -23.12
CA LYS A 747 27.46 6.98 -21.90
C LYS A 747 26.62 6.17 -20.92
N TYR A 748 25.51 5.61 -21.41
CA TYR A 748 24.59 4.88 -20.55
C TYR A 748 25.24 3.67 -19.90
N PHE A 749 25.89 2.83 -20.70
CA PHE A 749 26.47 1.60 -20.18
C PHE A 749 27.73 1.87 -19.35
N GLU A 750 28.31 3.06 -19.53
CA GLU A 750 29.41 3.46 -18.67
C GLU A 750 28.91 3.75 -17.26
N LEU A 751 27.78 4.44 -17.17
CA LEU A 751 27.17 4.73 -15.87
C LEU A 751 26.48 3.49 -15.31
N TYR A 752 26.08 2.60 -16.21
CA TYR A 752 25.54 1.29 -15.85
C TYR A 752 26.54 0.53 -14.98
N ASP A 753 27.78 0.45 -15.46
CA ASP A 753 28.84 -0.26 -14.74
C ASP A 753 29.26 0.48 -13.48
N LYS A 754 29.36 1.80 -13.56
CA LYS A 754 29.76 2.61 -12.42
C LYS A 754 28.79 2.48 -11.26
N THR A 755 27.49 2.59 -11.55
CA THR A 755 26.47 2.54 -10.50
C THR A 755 26.26 1.12 -9.99
N TYR A 756 26.51 0.12 -10.83
CA TYR A 756 26.42 -1.27 -10.39
C TYR A 756 27.49 -1.55 -9.34
N LYS A 757 28.71 -1.11 -9.61
CA LYS A 757 29.82 -1.28 -8.70
C LYS A 757 29.55 -0.61 -7.36
N LEU A 758 28.80 0.48 -7.40
CA LEU A 758 28.43 1.21 -6.19
C LEU A 758 27.31 0.50 -5.42
N SER A 759 26.54 -0.32 -6.11
CA SER A 759 25.33 -0.90 -5.55
C SER A 759 25.45 -2.36 -5.11
N LYS A 760 26.42 -3.08 -5.70
CA LYS A 760 26.45 -4.54 -5.63
C LYS A 760 26.70 -5.12 -4.23
N ASP A 761 27.30 -4.35 -3.34
CA ASP A 761 27.66 -4.87 -2.01
C ASP A 761 26.63 -4.53 -0.94
N ASP A 762 25.53 -3.90 -1.35
CA ASP A 762 24.40 -3.68 -0.46
C ASP A 762 23.15 -4.29 -1.08
N GLU A 763 22.60 -5.29 -0.41
CA GLU A 763 21.46 -6.05 -0.90
C GLU A 763 20.28 -5.18 -1.32
N LEU A 764 19.95 -4.18 -0.51
CA LEU A 764 18.82 -3.30 -0.80
C LEU A 764 19.16 -2.27 -1.87
N LEU A 765 20.38 -1.75 -1.83
CA LEU A 765 20.83 -0.77 -2.81
C LEU A 765 20.88 -1.37 -4.21
N LEU A 766 21.31 -2.62 -4.29
CA LEU A 766 21.37 -3.34 -5.56
C LEU A 766 19.98 -3.49 -6.16
N GLN A 767 18.98 -3.68 -5.30
CA GLN A 767 17.61 -3.81 -5.74
C GLN A 767 17.09 -2.48 -6.28
N GLU A 768 17.55 -1.38 -5.70
CA GLU A 768 17.21 -0.05 -6.21
C GLU A 768 17.89 0.18 -7.55
N TRP A 769 19.10 -0.34 -7.69
CA TRP A 769 19.83 -0.29 -8.95
C TRP A 769 19.07 -1.07 -10.01
N LEU A 770 18.58 -2.25 -9.63
CA LEU A 770 17.80 -3.09 -10.53
C LEU A 770 16.55 -2.36 -11.02
N LYS A 771 15.88 -1.66 -10.11
CA LYS A 771 14.71 -0.86 -10.46
C LYS A 771 15.05 0.23 -11.47
N THR A 772 16.15 0.93 -11.23
CA THR A 772 16.59 2.02 -12.08
C THR A 772 16.86 1.54 -13.50
N VAL A 773 17.54 0.40 -13.61
CA VAL A 773 17.81 -0.20 -14.91
C VAL A 773 16.51 -0.62 -15.57
N SER A 774 15.63 -1.26 -14.78
CA SER A 774 14.36 -1.78 -15.28
C SER A 774 13.48 -0.69 -15.90
N ARG A 775 13.52 0.50 -15.32
CA ARG A 775 12.66 1.59 -15.78
C ARG A 775 13.39 2.54 -16.75
N SER A 776 14.62 2.21 -17.11
CA SER A 776 15.38 3.04 -18.03
C SER A 776 14.70 3.14 -19.39
N ASP A 777 14.59 4.37 -19.90
CA ASP A 777 13.98 4.58 -21.22
C ASP A 777 14.95 4.20 -22.33
N ARG A 778 15.13 2.90 -22.51
CA ARG A 778 16.06 2.38 -23.51
C ARG A 778 15.32 1.64 -24.63
N LYS A 779 15.78 1.84 -25.85
CA LYS A 779 15.23 1.13 -27.00
C LYS A 779 15.65 -0.33 -26.95
N ASP A 780 16.79 -0.60 -26.32
CA ASP A 780 17.30 -1.97 -26.19
C ASP A 780 16.99 -2.53 -24.80
N ILE A 781 15.86 -2.13 -24.24
CA ILE A 781 15.50 -2.51 -22.87
C ILE A 781 15.29 -4.02 -22.72
N TYR A 782 14.80 -4.67 -23.78
CA TYR A 782 14.57 -6.11 -23.73
C TYR A 782 15.89 -6.87 -23.65
N GLU A 783 16.90 -6.38 -24.35
CA GLU A 783 18.23 -6.99 -24.32
C GLU A 783 18.87 -6.75 -22.96
N ILE A 784 18.57 -5.61 -22.36
CA ILE A 784 19.11 -5.26 -21.06
C ILE A 784 18.49 -6.12 -19.96
N LEU A 785 17.20 -6.39 -20.05
CA LEU A 785 16.51 -7.27 -19.10
C LEU A 785 17.13 -8.66 -19.11
N LYS A 786 17.41 -9.17 -20.31
CA LYS A 786 18.05 -10.47 -20.47
C LYS A 786 19.41 -10.49 -19.78
N LYS A 787 20.10 -9.34 -19.85
CA LYS A 787 21.40 -9.18 -19.22
C LYS A 787 21.28 -9.23 -17.70
N LEU A 788 20.25 -8.57 -17.17
CA LEU A 788 19.97 -8.57 -15.74
C LEU A 788 19.69 -9.98 -15.24
N GLU A 789 18.92 -10.72 -16.02
CA GLU A 789 18.55 -12.09 -15.67
C GLU A 789 19.77 -13.00 -15.61
N ASN A 790 20.67 -12.85 -16.58
CA ASN A 790 21.84 -13.70 -16.68
C ASN A 790 22.93 -13.35 -15.68
N GLU A 791 23.14 -12.07 -15.43
CA GLU A 791 24.30 -11.62 -14.67
C GLU A 791 24.01 -11.26 -13.22
N VAL A 792 22.77 -10.89 -12.91
CA VAL A 792 22.45 -10.41 -11.57
C VAL A 792 21.33 -11.17 -10.88
N LEU A 793 20.16 -11.24 -11.53
CA LEU A 793 19.00 -11.87 -10.92
C LEU A 793 19.13 -13.38 -10.79
N LYS A 794 19.44 -14.04 -11.92
CA LYS A 794 19.53 -15.50 -11.98
C LYS A 794 18.27 -16.17 -11.47
N ASP A 795 18.42 -17.20 -10.65
CA ASP A 795 17.28 -17.94 -10.14
C ASP A 795 16.95 -17.57 -8.70
N SER A 796 17.19 -16.31 -8.35
CA SER A 796 16.82 -15.80 -7.03
C SER A 796 15.33 -15.92 -6.79
N LYS A 797 14.96 -16.35 -5.59
CA LYS A 797 13.55 -16.45 -5.22
C LYS A 797 13.16 -15.32 -4.28
N ASN A 798 14.09 -14.40 -4.07
CA ASN A 798 13.81 -13.20 -3.28
C ASN A 798 12.82 -12.31 -4.02
N PRO A 799 11.63 -12.10 -3.43
CA PRO A 799 10.57 -11.30 -4.06
C PRO A 799 11.04 -9.87 -4.37
N ASN A 800 11.90 -9.33 -3.52
CA ASN A 800 12.46 -8.00 -3.75
C ASN A 800 13.26 -7.93 -5.05
N ASP A 801 14.03 -8.98 -5.33
CA ASP A 801 14.82 -9.05 -6.54
C ASP A 801 13.94 -9.15 -7.77
N ILE A 802 12.98 -10.07 -7.72
CA ILE A 802 12.08 -10.33 -8.86
C ILE A 802 11.23 -9.10 -9.19
N ARG A 803 10.66 -8.48 -8.16
CA ARG A 803 9.83 -7.30 -8.36
C ARG A 803 10.64 -6.11 -8.88
N ALA A 804 11.90 -6.01 -8.43
CA ALA A 804 12.78 -4.91 -8.85
C ALA A 804 13.12 -4.98 -10.33
N VAL A 805 13.30 -6.19 -10.84
CA VAL A 805 13.71 -6.39 -12.21
C VAL A 805 12.57 -6.15 -13.20
N TYR A 806 11.35 -6.57 -12.85
CA TYR A 806 10.27 -6.62 -13.83
C TYR A 806 9.19 -5.54 -13.70
N LEU A 807 8.79 -5.21 -12.47
CA LEU A 807 7.67 -4.27 -12.27
C LEU A 807 7.89 -2.87 -12.86
N PRO A 808 9.08 -2.26 -12.65
CA PRO A 808 9.24 -0.94 -13.26
C PRO A 808 9.19 -0.97 -14.78
N PHE A 809 9.70 -2.04 -15.37
CA PHE A 809 9.68 -2.22 -16.83
C PHE A 809 8.25 -2.24 -17.38
N THR A 810 7.33 -2.81 -16.61
CA THR A 810 5.94 -2.93 -17.06
C THR A 810 5.26 -1.57 -17.14
N ASN A 811 5.89 -0.55 -16.58
CA ASN A 811 5.36 0.80 -16.66
C ASN A 811 5.96 1.57 -17.85
N ASN A 812 6.79 0.89 -18.63
CA ASN A 812 7.31 1.46 -19.86
C ASN A 812 6.23 1.41 -20.93
N LEU A 813 5.52 2.53 -21.09
CA LEU A 813 4.34 2.59 -21.95
C LEU A 813 4.60 2.12 -23.37
N ARG A 814 5.67 2.62 -23.97
CA ARG A 814 5.94 2.32 -25.37
C ARG A 814 6.55 0.93 -25.57
N ARG A 815 7.31 0.44 -24.59
CA ARG A 815 8.06 -0.80 -24.77
C ARG A 815 7.36 -2.03 -24.20
N PHE A 816 6.80 -1.92 -23.00
CA PHE A 816 6.10 -3.06 -22.40
C PHE A 816 4.87 -3.42 -23.22
N HIS A 817 4.24 -2.41 -23.80
CA HIS A 817 3.05 -2.62 -24.60
C HIS A 817 3.39 -2.72 -26.09
N ASP A 818 4.58 -3.25 -26.38
CA ASP A 818 5.00 -3.49 -27.75
C ASP A 818 3.93 -4.31 -28.48
N ILE A 819 3.64 -3.91 -29.71
CA ILE A 819 2.51 -4.47 -30.44
C ILE A 819 2.70 -5.95 -30.79
N SER A 820 3.94 -6.44 -30.70
CA SER A 820 4.22 -7.85 -30.91
C SER A 820 3.68 -8.68 -29.75
N GLY A 821 3.53 -8.04 -28.60
CA GLY A 821 3.04 -8.71 -27.41
C GLY A 821 4.14 -9.43 -26.64
N LYS A 822 5.39 -9.15 -26.99
CA LYS A 822 6.51 -9.84 -26.35
C LYS A 822 6.70 -9.39 -24.90
N GLY A 823 6.22 -8.19 -24.59
CA GLY A 823 6.24 -7.70 -23.23
C GLY A 823 5.28 -8.48 -22.36
N TYR A 824 4.09 -8.73 -22.90
CA TYR A 824 3.07 -9.51 -22.21
C TYR A 824 3.56 -10.95 -22.05
N LYS A 825 4.24 -11.45 -23.08
CA LYS A 825 4.77 -12.80 -23.08
C LYS A 825 5.86 -12.95 -22.02
N LEU A 826 6.67 -11.91 -21.87
CA LEU A 826 7.79 -11.94 -20.93
C LEU A 826 7.32 -12.00 -19.47
N ILE A 827 6.41 -11.11 -19.10
CA ILE A 827 5.94 -11.03 -17.74
CA ILE A 827 5.92 -11.02 -17.74
C ILE A 827 5.11 -12.27 -17.37
N ALA A 828 4.35 -12.79 -18.32
CA ALA A 828 3.55 -13.99 -18.09
C ALA A 828 4.45 -15.18 -17.80
N GLU A 829 5.61 -15.22 -18.44
CA GLU A 829 6.59 -16.26 -18.19
C GLU A 829 7.14 -16.15 -16.78
N VAL A 830 7.40 -14.92 -16.35
CA VAL A 830 7.89 -14.65 -15.00
C VAL A 830 6.85 -15.03 -13.95
N ILE A 831 5.58 -14.73 -14.25
CA ILE A 831 4.49 -15.05 -13.33
C ILE A 831 4.36 -16.56 -13.11
N THR A 832 4.33 -17.30 -14.21
CA THR A 832 4.21 -18.76 -14.16
C THR A 832 5.40 -19.38 -13.41
N LYS A 833 6.59 -18.90 -13.72
CA LYS A 833 7.82 -19.35 -13.07
C LYS A 833 7.78 -19.09 -11.56
N THR A 834 7.30 -17.90 -11.19
CA THR A 834 7.23 -17.50 -9.79
C THR A 834 6.14 -18.26 -9.04
N ASP A 835 5.04 -18.55 -9.74
CA ASP A 835 3.88 -19.20 -9.13
C ASP A 835 4.20 -20.58 -8.56
N LYS A 836 5.29 -21.18 -9.04
CA LYS A 836 5.67 -22.51 -8.59
C LYS A 836 6.24 -22.53 -7.18
N PHE A 837 6.73 -21.39 -6.70
CA PHE A 837 7.27 -21.33 -5.34
C PHE A 837 6.65 -20.23 -4.48
N ASN A 838 6.07 -19.21 -5.10
CA ASN A 838 5.47 -18.11 -4.35
C ASN A 838 4.25 -17.52 -5.06
N PRO A 839 3.07 -18.14 -4.87
CA PRO A 839 1.81 -17.75 -5.51
C PRO A 839 1.40 -16.31 -5.23
N MET A 840 1.72 -15.79 -4.05
CA MET A 840 1.34 -14.43 -3.68
CA MET A 840 1.34 -14.43 -3.69
C MET A 840 2.08 -13.40 -4.53
N VAL A 841 3.37 -13.58 -4.69
CA VAL A 841 4.19 -12.67 -5.48
C VAL A 841 3.81 -12.80 -6.96
N ALA A 842 3.41 -14.00 -7.37
CA ALA A 842 2.98 -14.24 -8.74
C ALA A 842 1.76 -13.39 -9.10
N THR A 843 0.82 -13.27 -8.18
CA THR A 843 -0.37 -12.45 -8.43
C THR A 843 -0.01 -10.97 -8.38
N GLN A 844 0.99 -10.62 -7.58
CA GLN A 844 1.52 -9.27 -7.56
C GLN A 844 2.09 -8.91 -8.92
N LEU A 845 2.71 -9.90 -9.57
CA LEU A 845 3.32 -9.69 -10.88
C LEU A 845 2.27 -9.64 -12.00
N CYS A 846 1.01 -9.88 -11.65
CA CYS A 846 -0.08 -9.82 -12.61
C CYS A 846 -0.63 -8.41 -12.81
N GLU A 847 -0.20 -7.49 -11.95
CA GLU A 847 -0.71 -6.11 -11.95
C GLU A 847 -0.80 -5.42 -13.32
N PRO A 848 0.21 -5.61 -14.21
CA PRO A 848 0.10 -5.01 -15.55
C PRO A 848 -1.17 -5.39 -16.31
N PHE A 849 -1.67 -6.60 -16.08
CA PHE A 849 -2.81 -7.13 -16.82
C PHE A 849 -4.15 -6.58 -16.34
N LYS A 850 -4.14 -5.86 -15.22
CA LYS A 850 -5.39 -5.41 -14.60
C LYS A 850 -6.18 -4.45 -15.49
N LEU A 851 -5.52 -3.81 -16.43
CA LEU A 851 -6.18 -2.86 -17.33
C LEU A 851 -6.45 -3.44 -18.72
N TRP A 852 -6.33 -4.76 -18.85
CA TRP A 852 -6.31 -5.41 -20.16
C TRP A 852 -7.52 -5.06 -21.03
N ASN A 853 -8.69 -4.94 -20.43
CA ASN A 853 -9.90 -4.66 -21.21
C ASN A 853 -10.11 -3.16 -21.45
N LYS A 854 -9.09 -2.36 -21.17
CA LYS A 854 -9.16 -0.91 -21.38
C LYS A 854 -8.32 -0.48 -22.57
N LEU A 855 -7.52 -1.40 -23.10
CA LEU A 855 -6.61 -1.09 -24.20
C LEU A 855 -7.29 -1.25 -25.56
N ASP A 856 -6.56 -0.95 -26.62
CA ASP A 856 -7.05 -1.16 -27.98
C ASP A 856 -7.32 -2.64 -28.21
N THR A 857 -8.19 -2.94 -29.17
CA THR A 857 -8.66 -4.31 -29.39
C THR A 857 -7.54 -5.30 -29.65
N LYS A 858 -6.46 -4.85 -30.28
CA LYS A 858 -5.32 -5.71 -30.56
C LYS A 858 -4.59 -6.11 -29.29
N ARG A 859 -4.31 -5.13 -28.44
CA ARG A 859 -3.57 -5.39 -27.21
C ARG A 859 -4.42 -6.13 -26.18
N GLN A 860 -5.74 -5.94 -26.24
CA GLN A 860 -6.67 -6.71 -25.42
C GLN A 860 -6.50 -8.19 -25.69
N GLU A 861 -6.50 -8.55 -26.98
CA GLU A 861 -6.39 -9.94 -27.39
C GLU A 861 -5.03 -10.53 -27.02
N LEU A 862 -3.98 -9.72 -27.17
CA LEU A 862 -2.62 -10.15 -26.83
C LEU A 862 -2.51 -10.48 -25.34
N MET A 863 -3.03 -9.59 -24.50
CA MET A 863 -3.01 -9.81 -23.06
C MET A 863 -3.88 -10.99 -22.66
N LEU A 864 -5.06 -11.09 -23.28
CA LEU A 864 -6.00 -12.17 -22.96
C LEU A 864 -5.41 -13.53 -23.32
N ASN A 865 -4.62 -13.58 -24.38
CA ASN A 865 -3.96 -14.81 -24.80
CA ASN A 865 -3.96 -14.81 -24.80
C ASN A 865 -2.95 -15.29 -23.76
N GLU A 866 -2.17 -14.36 -23.23
CA GLU A 866 -1.16 -14.70 -22.23
C GLU A 866 -1.80 -15.14 -20.92
N MET A 867 -2.90 -14.50 -20.56
CA MET A 867 -3.61 -14.85 -19.34
C MET A 867 -4.24 -16.23 -19.46
N ASN A 868 -4.80 -16.52 -20.63
CA ASN A 868 -5.37 -17.85 -20.88
C ASN A 868 -4.28 -18.92 -20.93
N THR A 869 -3.10 -18.54 -21.44
CA THR A 869 -1.95 -19.44 -21.43
C THR A 869 -1.54 -19.77 -20.00
N MET A 870 -1.52 -18.75 -19.14
CA MET A 870 -1.19 -18.94 -17.73
C MET A 870 -2.23 -19.80 -17.04
N LEU A 871 -3.51 -19.54 -17.34
CA LEU A 871 -4.61 -20.29 -16.75
C LEU A 871 -4.55 -21.78 -17.10
N GLN A 872 -3.91 -22.10 -18.21
CA GLN A 872 -3.86 -23.48 -18.69
C GLN A 872 -2.63 -24.23 -18.19
N GLU A 873 -1.85 -23.60 -17.33
CA GLU A 873 -0.74 -24.27 -16.67
C GLU A 873 -1.27 -25.31 -15.69
N PRO A 874 -0.88 -26.59 -15.88
CA PRO A 874 -1.38 -27.68 -15.03
C PRO A 874 -1.06 -27.47 -13.55
N GLN A 875 0.10 -26.88 -13.27
CA GLN A 875 0.56 -26.72 -11.89
C GLN A 875 0.20 -25.36 -11.31
N ILE A 876 -0.80 -24.69 -11.88
CA ILE A 876 -1.18 -23.36 -11.43
C ILE A 876 -1.75 -23.41 -10.01
N SER A 877 -1.37 -22.43 -9.20
CA SER A 877 -1.85 -22.36 -7.82
C SER A 877 -3.31 -21.92 -7.78
N ASN A 878 -4.00 -22.26 -6.69
CA ASN A 878 -5.35 -21.77 -6.47
C ASN A 878 -5.35 -20.24 -6.43
N ASN A 879 -4.30 -19.71 -5.83
CA ASN A 879 -4.06 -18.28 -5.73
C ASN A 879 -4.11 -17.57 -7.08
N LEU A 880 -3.24 -18.00 -8.00
CA LEU A 880 -3.14 -17.38 -9.31
C LEU A 880 -4.36 -17.68 -10.18
N LYS A 881 -4.87 -18.90 -10.09
CA LYS A 881 -6.02 -19.31 -10.89
C LYS A 881 -7.24 -18.46 -10.58
N GLU A 882 -7.54 -18.31 -9.30
CA GLU A 882 -8.68 -17.52 -8.84
C GLU A 882 -8.59 -16.08 -9.31
N TYR A 883 -7.38 -15.52 -9.23
CA TYR A 883 -7.14 -14.14 -9.62
C TYR A 883 -7.36 -13.93 -11.12
N LEU A 884 -6.77 -14.79 -11.94
CA LEU A 884 -6.87 -14.66 -13.39
C LEU A 884 -8.28 -14.97 -13.89
N LEU A 885 -8.98 -15.87 -13.19
CA LEU A 885 -10.36 -16.19 -13.54
C LEU A 885 -11.28 -14.98 -13.36
N ARG A 886 -11.10 -14.28 -12.23
CA ARG A 886 -11.90 -13.09 -11.96
C ARG A 886 -11.53 -11.95 -12.90
N LEU A 887 -10.23 -11.78 -13.14
CA LEU A 887 -9.75 -10.72 -14.01
C LEU A 887 -10.23 -10.88 -15.45
N THR A 888 -10.33 -12.11 -15.92
CA THR A 888 -10.78 -12.38 -17.28
C THR A 888 -12.27 -12.68 -17.36
N ASN A 889 -13.01 -12.32 -16.31
CA ASN A 889 -14.46 -12.46 -16.27
C ASN A 889 -14.96 -13.87 -16.56
N LYS A 890 -14.26 -14.88 -16.07
CA LYS A 890 -14.70 -16.26 -16.22
C LYS A 890 -15.43 -16.73 -14.97
#